data_314D
# 
_entry.id   314D 
# 
_audit_conform.dict_name       mmcif_pdbx.dic 
_audit_conform.dict_version    5.387 
_audit_conform.dict_location   http://mmcif.pdb.org/dictionaries/ascii/mmcif_pdbx.dic 
# 
loop_
_database_2.database_id 
_database_2.database_code 
_database_2.pdbx_database_accession 
_database_2.pdbx_DOI 
PDB   314D         pdb_0000314d 10.2210/pdb314d/pdb 
RCSB  ZDG056       ?            ?                   
WWPDB D_1000178782 ?            ?                   
# 
loop_
_pdbx_audit_revision_history.ordinal 
_pdbx_audit_revision_history.data_content_type 
_pdbx_audit_revision_history.major_revision 
_pdbx_audit_revision_history.minor_revision 
_pdbx_audit_revision_history.revision_date 
1 'Structure model' 1 0 1997-08-05 
2 'Structure model' 1 1 2008-05-22 
3 'Structure model' 1 2 2011-07-13 
4 'Structure model' 1 3 2024-02-21 
# 
_pdbx_audit_revision_details.ordinal             1 
_pdbx_audit_revision_details.revision_ordinal    1 
_pdbx_audit_revision_details.data_content_type   'Structure model' 
_pdbx_audit_revision_details.provider            repository 
_pdbx_audit_revision_details.type                'Initial release' 
_pdbx_audit_revision_details.description         ? 
_pdbx_audit_revision_details.details             ? 
# 
loop_
_pdbx_audit_revision_group.ordinal 
_pdbx_audit_revision_group.revision_ordinal 
_pdbx_audit_revision_group.data_content_type 
_pdbx_audit_revision_group.group 
1 2 'Structure model' 'Version format compliance' 
2 3 'Structure model' 'Version format compliance' 
3 4 'Structure model' 'Data collection'           
4 4 'Structure model' 'Database references'       
5 4 'Structure model' 'Derived calculations'      
# 
loop_
_pdbx_audit_revision_category.ordinal 
_pdbx_audit_revision_category.revision_ordinal 
_pdbx_audit_revision_category.data_content_type 
_pdbx_audit_revision_category.category 
1 4 'Structure model' chem_comp_atom         
2 4 'Structure model' chem_comp_bond         
3 4 'Structure model' database_2             
4 4 'Structure model' pdbx_struct_conn_angle 
5 4 'Structure model' struct_conn            
6 4 'Structure model' struct_site            
# 
loop_
_pdbx_audit_revision_item.ordinal 
_pdbx_audit_revision_item.revision_ordinal 
_pdbx_audit_revision_item.data_content_type 
_pdbx_audit_revision_item.item 
1  4 'Structure model' '_database_2.pdbx_DOI'                      
2  4 'Structure model' '_database_2.pdbx_database_accession'       
3  4 'Structure model' '_pdbx_struct_conn_angle.ptnr1_auth_seq_id' 
4  4 'Structure model' '_pdbx_struct_conn_angle.ptnr1_symmetry'    
5  4 'Structure model' '_pdbx_struct_conn_angle.ptnr3_auth_seq_id' 
6  4 'Structure model' '_pdbx_struct_conn_angle.ptnr3_symmetry'    
7  4 'Structure model' '_pdbx_struct_conn_angle.value'             
8  4 'Structure model' '_struct_conn.pdbx_dist_value'              
9  4 'Structure model' '_struct_conn.ptnr2_auth_seq_id'            
10 4 'Structure model' '_struct_conn.ptnr2_symmetry'               
11 4 'Structure model' '_struct_site.pdbx_auth_asym_id'            
12 4 'Structure model' '_struct_site.pdbx_auth_comp_id'            
13 4 'Structure model' '_struct_site.pdbx_auth_seq_id'             
# 
_pdbx_database_status.status_code                     REL 
_pdbx_database_status.entry_id                        314D 
_pdbx_database_status.recvd_initial_deposition_date   1997-02-04 
_pdbx_database_status.deposit_site                    NDB 
_pdbx_database_status.process_site                    NDB 
_pdbx_database_status.status_code_sf                  REL 
_pdbx_database_status.status_code_mr                  ? 
_pdbx_database_status.SG_entry                        ? 
_pdbx_database_status.pdb_format_compatible           Y 
_pdbx_database_status.status_code_cs                  ? 
_pdbx_database_status.status_code_nmr_data            ? 
_pdbx_database_status.methods_development_category    ? 
# 
loop_
_audit_author.name 
_audit_author.pdbx_ordinal 
'Mooers, B.H.M.' 1 
'Eichman, B.F.'  2 
'Ho, P.S.'       3 
# 
_citation.id                        primary 
_citation.title                     
;The structures and relative stabilities of d(G x G) reverse Hoogsteen, d(G x T) reverse wobble, and d(G x C) reverse Watson-Crick base-pairs in DNA crystals.
;
_citation.journal_abbrev            J.Mol.Biol. 
_citation.journal_volume            269 
_citation.page_first                796 
_citation.page_last                 810 
_citation.year                      1997 
_citation.journal_id_ASTM           JMOBAK 
_citation.country                   UK 
_citation.journal_id_ISSN           0022-2836 
_citation.journal_id_CSD            0070 
_citation.book_publisher            ? 
_citation.pdbx_database_id_PubMed   9223642 
_citation.pdbx_database_id_DOI      10.1006/jmbi.1997.1100 
# 
loop_
_citation_author.citation_id 
_citation_author.name 
_citation_author.ordinal 
_citation_author.identifier_ORCID 
primary 'Mooers, B.H.'  1 ? 
primary 'Eichman, B.F.' 2 ? 
primary 'Ho, P.S.'      3 ? 
# 
loop_
_entity.id 
_entity.type 
_entity.src_method 
_entity.pdbx_description 
_entity.formula_weight 
_entity.pdbx_number_of_molecules 
_entity.pdbx_ec 
_entity.pdbx_mutation 
_entity.pdbx_fragment 
_entity.details 
1 polymer     syn 
;DNA (5'-D(*GP*CP*GP*CP*GP*CP*G)-3')
;
2139.411 1  ? ? ? ? 
2 polymer     syn 
;DNA (5'-D(*TP*CP*GP*CP*GP*CP*G)-3')
;
2114.398 1  ? ? ? ? 
3 non-polymer syn 'MAGNESIUM ION'                       24.305   1  ? ? ? ? 
4 non-polymer syn 'COBALT HEXAMMINE(III)'               161.116  1  ? ? ? ? 
5 water       nat water                                 18.015   49 ? ? ? ? 
# 
loop_
_entity_poly.entity_id 
_entity_poly.type 
_entity_poly.nstd_linkage 
_entity_poly.nstd_monomer 
_entity_poly.pdbx_seq_one_letter_code 
_entity_poly.pdbx_seq_one_letter_code_can 
_entity_poly.pdbx_strand_id 
_entity_poly.pdbx_target_identifier 
1 polydeoxyribonucleotide no no '(DG)(DC)(DG)(DC)(DG)(DC)(DG)' GCGCGCG A ? 
2 polydeoxyribonucleotide no no '(DT)(DC)(DG)(DC)(DG)(DC)(DG)' TCGCGCG B ? 
# 
loop_
_pdbx_entity_nonpoly.entity_id 
_pdbx_entity_nonpoly.name 
_pdbx_entity_nonpoly.comp_id 
3 'MAGNESIUM ION'         MG  
4 'COBALT HEXAMMINE(III)' NCO 
5 water                   HOH 
# 
loop_
_entity_poly_seq.entity_id 
_entity_poly_seq.num 
_entity_poly_seq.mon_id 
_entity_poly_seq.hetero 
1 1 DG n 
1 2 DC n 
1 3 DG n 
1 4 DC n 
1 5 DG n 
1 6 DC n 
1 7 DG n 
2 1 DT n 
2 2 DC n 
2 3 DG n 
2 4 DC n 
2 5 DG n 
2 6 DC n 
2 7 DG n 
# 
loop_
_chem_comp.id 
_chem_comp.type 
_chem_comp.mon_nstd_flag 
_chem_comp.name 
_chem_comp.pdbx_synonyms 
_chem_comp.formula 
_chem_comp.formula_weight 
DC  'DNA linking' y "2'-DEOXYCYTIDINE-5'-MONOPHOSPHATE"  ? 'C9 H14 N3 O7 P'  307.197 
DG  'DNA linking' y "2'-DEOXYGUANOSINE-5'-MONOPHOSPHATE" ? 'C10 H14 N5 O7 P' 347.221 
DT  'DNA linking' y "THYMIDINE-5'-MONOPHOSPHATE"         ? 'C10 H15 N2 O8 P' 322.208 
HOH non-polymer   . WATER                                ? 'H2 O'            18.015  
MG  non-polymer   . 'MAGNESIUM ION'                      ? 'Mg 2'            24.305  
NCO non-polymer   . 'COBALT HEXAMMINE(III)'              ? 'Co H18 N6 3'     161.116 
# 
loop_
_pdbx_poly_seq_scheme.asym_id 
_pdbx_poly_seq_scheme.entity_id 
_pdbx_poly_seq_scheme.seq_id 
_pdbx_poly_seq_scheme.mon_id 
_pdbx_poly_seq_scheme.ndb_seq_num 
_pdbx_poly_seq_scheme.pdb_seq_num 
_pdbx_poly_seq_scheme.auth_seq_num 
_pdbx_poly_seq_scheme.pdb_mon_id 
_pdbx_poly_seq_scheme.auth_mon_id 
_pdbx_poly_seq_scheme.pdb_strand_id 
_pdbx_poly_seq_scheme.pdb_ins_code 
_pdbx_poly_seq_scheme.hetero 
A 1 1 DG 1 1  1  DG G A . n 
A 1 2 DC 2 2  2  DC C A . n 
A 1 3 DG 3 3  3  DG G A . n 
A 1 4 DC 4 4  4  DC C A . n 
A 1 5 DG 5 5  5  DG G A . n 
A 1 6 DC 6 6  6  DC C A . n 
A 1 7 DG 7 7  7  DG G A . n 
B 2 1 DT 1 8  8  DT T B . n 
B 2 2 DC 2 9  9  DC C B . n 
B 2 3 DG 3 10 10 DG G B . n 
B 2 4 DC 4 11 11 DC C B . n 
B 2 5 DG 5 12 12 DG G B . n 
B 2 6 DC 6 13 13 DC C B . n 
B 2 7 DG 7 14 14 DG G B . n 
# 
loop_
_pdbx_nonpoly_scheme.asym_id 
_pdbx_nonpoly_scheme.entity_id 
_pdbx_nonpoly_scheme.mon_id 
_pdbx_nonpoly_scheme.ndb_seq_num 
_pdbx_nonpoly_scheme.pdb_seq_num 
_pdbx_nonpoly_scheme.auth_seq_num 
_pdbx_nonpoly_scheme.pdb_mon_id 
_pdbx_nonpoly_scheme.auth_mon_id 
_pdbx_nonpoly_scheme.pdb_strand_id 
_pdbx_nonpoly_scheme.pdb_ins_code 
C 3 MG  1  16 16 MG  MO6 A . 
D 4 NCO 1  15 15 NCO NCO A . 
E 5 HOH 1  18 18 HOH HOH A . 
E 5 HOH 2  19 19 HOH HOH A . 
E 5 HOH 3  20 20 HOH HOH A . 
E 5 HOH 4  21 21 HOH HOH A . 
E 5 HOH 5  22 22 HOH HOH A . 
E 5 HOH 6  24 24 HOH HOH A . 
E 5 HOH 7  25 25 HOH HOH A . 
E 5 HOH 8  27 27 HOH HOH A . 
E 5 HOH 9  28 28 HOH HOH A . 
E 5 HOH 10 29 29 HOH HOH A . 
E 5 HOH 11 31 31 HOH HOH A . 
E 5 HOH 12 32 32 HOH HOH A . 
E 5 HOH 13 35 35 HOH HOH A . 
E 5 HOH 14 37 37 HOH HOH A . 
E 5 HOH 15 38 38 HOH HOH A . 
E 5 HOH 16 40 40 HOH HOH A . 
E 5 HOH 17 43 43 HOH HOH A . 
E 5 HOH 18 44 44 HOH HOH A . 
E 5 HOH 19 45 45 HOH HOH A . 
E 5 HOH 20 46 46 HOH HOH A . 
E 5 HOH 21 49 49 HOH HOH A . 
E 5 HOH 22 50 50 HOH HOH A . 
E 5 HOH 23 52 52 HOH HOH A . 
E 5 HOH 24 53 53 HOH HOH A . 
E 5 HOH 25 54 54 HOH HOH A . 
E 5 HOH 26 55 55 HOH HOH A . 
E 5 HOH 27 56 56 HOH HOH A . 
E 5 HOH 28 57 57 HOH HOH A . 
E 5 HOH 29 59 59 HOH HOH A . 
E 5 HOH 30 60 16 HOH MO6 A . 
E 5 HOH 31 61 16 HOH MO6 A . 
E 5 HOH 32 62 16 HOH MO6 A . 
E 5 HOH 33 63 16 HOH MO6 A . 
E 5 HOH 34 64 16 HOH MO6 A . 
E 5 HOH 35 65 16 HOH MO6 A . 
F 5 HOH 1  17 17 HOH HOH B . 
F 5 HOH 2  23 23 HOH HOH B . 
F 5 HOH 3  26 26 HOH HOH B . 
F 5 HOH 4  30 30 HOH HOH B . 
F 5 HOH 5  33 33 HOH HOH B . 
F 5 HOH 6  34 34 HOH HOH B . 
F 5 HOH 7  36 36 HOH HOH B . 
F 5 HOH 8  39 39 HOH HOH B . 
F 5 HOH 9  41 41 HOH HOH B . 
F 5 HOH 10 42 42 HOH HOH B . 
F 5 HOH 11 47 47 HOH HOH B . 
F 5 HOH 12 48 48 HOH HOH B . 
F 5 HOH 13 51 51 HOH HOH B . 
F 5 HOH 14 58 58 HOH HOH B . 
# 
loop_
_software.name 
_software.classification 
_software.version 
_software.citation_id 
_software.pdbx_ordinal 
X-PLOR refinement       . ? 1 
SAINT  'data reduction' . ? 2 
SAINT  'data scaling'   . ? 3 
# 
_cell.entry_id           314D 
_cell.length_a           20.280 
_cell.length_b           29.410 
_cell.length_c           51.890 
_cell.angle_alpha        90.00 
_cell.angle_beta         90.00 
_cell.angle_gamma        90.00 
_cell.Z_PDB              4 
_cell.pdbx_unique_axis   ? 
# 
_symmetry.entry_id                         314D 
_symmetry.space_group_name_H-M             'P 21 21 21' 
_symmetry.pdbx_full_space_group_name_H-M   ? 
_symmetry.cell_setting                     ? 
_symmetry.Int_Tables_number                19 
# 
_exptl.entry_id          314D 
_exptl.method            'X-RAY DIFFRACTION' 
_exptl.crystals_number   1 
# 
_exptl_crystal.id                    1 
_exptl_crystal.density_meas          ? 
_exptl_crystal.density_Matthews      1.82 
_exptl_crystal.density_percent_sol   32.38 
_exptl_crystal.description           ? 
# 
_exptl_crystal_grow.crystal_id      1 
_exptl_crystal_grow.method          'VAPOR DIFFUSION, SITTING DROP' 
_exptl_crystal_grow.temp            ? 
_exptl_crystal_grow.temp_details    'ROOM TEMPERATURE' 
_exptl_crystal_grow.pH              7.00 
_exptl_crystal_grow.pdbx_details    'pH 7.00, VAPOR DIFFUSION, SITTING DROP' 
_exptl_crystal_grow.pdbx_pH_range   ? 
# 
loop_
_exptl_crystal_grow_comp.crystal_id 
_exptl_crystal_grow_comp.id 
_exptl_crystal_grow_comp.sol_id 
_exptl_crystal_grow_comp.name 
_exptl_crystal_grow_comp.volume 
_exptl_crystal_grow_comp.conc 
_exptl_crystal_grow_comp.details 
1 1 1 WATER           ? ? ? 
1 2 1 MPD             ? ? ? 
1 3 1 'NA CACODYLATE' ? ? ? 
1 4 1 MGCL2           ? ? ? 
1 5 1 '[CO(NH3)6]3+'  ? ? ? 
1 6 2 MPD             ? ? ? 
1 7 2 WATER           ? ? ? 
# 
_diffrn.id                     1 
_diffrn.ambient_temp           293.00 
_diffrn.ambient_temp_details   ? 
_diffrn.crystal_id             1 
# 
_diffrn_detector.diffrn_id              1 
_diffrn_detector.detector               'AREA DETECTOR' 
_diffrn_detector.type                   'SIEMENS HI-STAR' 
_diffrn_detector.pdbx_collection_date   1996-05-01 
_diffrn_detector.details                ? 
# 
_diffrn_radiation.diffrn_id                        1 
_diffrn_radiation.wavelength_id                    1 
_diffrn_radiation.pdbx_monochromatic_or_laue_m_l   M 
_diffrn_radiation.monochromator                    ? 
_diffrn_radiation.pdbx_diffrn_protocol             ? 
_diffrn_radiation.pdbx_scattering_type             x-ray 
# 
_diffrn_radiation_wavelength.id           1 
_diffrn_radiation_wavelength.wavelength   1.5418 
_diffrn_radiation_wavelength.wt           1.0 
# 
_diffrn_source.diffrn_id                   1 
_diffrn_source.source                      'SEALED TUBE' 
_diffrn_source.type                        ? 
_diffrn_source.pdbx_synchrotron_site       ? 
_diffrn_source.pdbx_synchrotron_beamline   ? 
_diffrn_source.pdbx_wavelength             1.5418 
_diffrn_source.pdbx_wavelength_list        ? 
# 
_reflns.entry_id                     314D 
_reflns.observed_criterion_sigma_I   2.000 
_reflns.observed_criterion_sigma_F   2.000 
_reflns.d_resolution_low             ? 
_reflns.d_resolution_high            1.900 
_reflns.number_obs                   5784 
_reflns.number_all                   ? 
_reflns.percent_possible_obs         76.300 
_reflns.pdbx_Rmerge_I_obs            0.0720000 
_reflns.pdbx_Rsym_value              ? 
_reflns.pdbx_netI_over_sigmaI        ? 
_reflns.B_iso_Wilson_estimate        ? 
_reflns.pdbx_redundancy              2.500 
_reflns.pdbx_diffrn_id               1 
_reflns.pdbx_ordinal                 1 
# 
_refine.entry_id                                 314D 
_refine.ls_number_reflns_obs                     2230 
_refine.ls_number_reflns_all                     ? 
_refine.pdbx_ls_sigma_I                          ? 
_refine.pdbx_ls_sigma_F                          3.000 
_refine.pdbx_data_cutoff_high_absF               ? 
_refine.pdbx_data_cutoff_low_absF                ? 
_refine.pdbx_data_cutoff_high_rms_absF           ? 
_refine.ls_d_res_low                             8.000 
_refine.ls_d_res_high                            1.900 
_refine.ls_percent_reflns_obs                    ? 
_refine.ls_R_factor_obs                          0.1910000 
_refine.ls_R_factor_all                          ? 
_refine.ls_R_factor_R_work                       0.1910000 
_refine.ls_R_factor_R_free                       0.2860000 
_refine.ls_R_factor_R_free_error                 ? 
_refine.ls_R_factor_R_free_error_details         ? 
_refine.ls_percent_reflns_R_free                 ? 
_refine.ls_number_reflns_R_free                  ? 
_refine.ls_number_parameters                     ? 
_refine.ls_number_restraints                     ? 
_refine.occupancy_min                            ? 
_refine.occupancy_max                            ? 
_refine.B_iso_mean                               17.50 
_refine.aniso_B[1][1]                            ? 
_refine.aniso_B[2][2]                            ? 
_refine.aniso_B[3][3]                            ? 
_refine.aniso_B[1][2]                            ? 
_refine.aniso_B[1][3]                            ? 
_refine.aniso_B[2][3]                            ? 
_refine.solvent_model_details                    ? 
_refine.solvent_model_param_ksol                 ? 
_refine.solvent_model_param_bsol                 ? 
_refine.pdbx_ls_cross_valid_method               ? 
_refine.details                                  ? 
_refine.pdbx_starting_model                      ? 
_refine.pdbx_method_to_determine_struct          'MOLECULAR REPLACEMENT' 
_refine.pdbx_isotropic_thermal_model             ? 
_refine.pdbx_stereochemistry_target_values       ? 
_refine.pdbx_stereochem_target_val_spec_case     ? 
_refine.pdbx_R_Free_selection_details            ? 
_refine.pdbx_overall_ESU_R                       ? 
_refine.pdbx_overall_ESU_R_Free                  ? 
_refine.overall_SU_ML                            ? 
_refine.overall_SU_B                             ? 
_refine.pdbx_refine_id                           'X-RAY DIFFRACTION' 
_refine.pdbx_diffrn_id                           1 
_refine.pdbx_TLS_residual_ADP_flag               ? 
_refine.correlation_coeff_Fo_to_Fc               ? 
_refine.correlation_coeff_Fo_to_Fc_free          ? 
_refine.pdbx_solvent_vdw_probe_radii             ? 
_refine.pdbx_solvent_ion_probe_radii             ? 
_refine.pdbx_solvent_shrinkage_radii             ? 
_refine.pdbx_overall_phase_error                 ? 
_refine.overall_SU_R_Cruickshank_DPI             ? 
_refine.pdbx_overall_SU_R_free_Cruickshank_DPI   ? 
_refine.pdbx_overall_SU_R_Blow_DPI               ? 
_refine.pdbx_overall_SU_R_free_Blow_DPI          ? 
# 
_refine_analyze.entry_id                        314D 
_refine_analyze.Luzzati_coordinate_error_obs    0.20 
_refine_analyze.Luzzati_sigma_a_obs             ? 
_refine_analyze.Luzzati_d_res_low_obs           ? 
_refine_analyze.Luzzati_coordinate_error_free   ? 
_refine_analyze.Luzzati_sigma_a_free            ? 
_refine_analyze.Luzzati_d_res_low_free          ? 
_refine_analyze.number_disordered_residues      ? 
_refine_analyze.occupancy_sum_hydrogen          ? 
_refine_analyze.occupancy_sum_non_hydrogen      ? 
_refine_analyze.pdbx_refine_id                  'X-RAY DIFFRACTION' 
# 
_refine_hist.pdbx_refine_id                   'X-RAY DIFFRACTION' 
_refine_hist.cycle_id                         LAST 
_refine_hist.pdbx_number_atoms_protein        0 
_refine_hist.pdbx_number_atoms_nucleic_acid   282 
_refine_hist.pdbx_number_atoms_ligand         14 
_refine_hist.number_atoms_solvent             43 
_refine_hist.number_atoms_total               339 
_refine_hist.d_res_high                       1.900 
_refine_hist.d_res_low                        8.000 
# 
loop_
_refine_ls_restr.type 
_refine_ls_restr.dev_ideal 
_refine_ls_restr.dev_ideal_target 
_refine_ls_restr.weight 
_refine_ls_restr.number 
_refine_ls_restr.pdbx_refine_id 
_refine_ls_restr.pdbx_restraint_function 
x_bond_d                0.008 ? ? ? 'X-RAY DIFFRACTION' ? 
x_bond_d_na             ?     ? ? ? 'X-RAY DIFFRACTION' ? 
x_bond_d_prot           ?     ? ? ? 'X-RAY DIFFRACTION' ? 
x_angle_d               ?     ? ? ? 'X-RAY DIFFRACTION' ? 
x_angle_d_na            ?     ? ? ? 'X-RAY DIFFRACTION' ? 
x_angle_d_prot          ?     ? ? ? 'X-RAY DIFFRACTION' ? 
x_angle_deg             1.30  ? ? ? 'X-RAY DIFFRACTION' ? 
x_angle_deg_na          ?     ? ? ? 'X-RAY DIFFRACTION' ? 
x_angle_deg_prot        ?     ? ? ? 'X-RAY DIFFRACTION' ? 
x_dihedral_angle_d      ?     ? ? ? 'X-RAY DIFFRACTION' ? 
x_dihedral_angle_d_na   ?     ? ? ? 'X-RAY DIFFRACTION' ? 
x_dihedral_angle_d_prot ?     ? ? ? 'X-RAY DIFFRACTION' ? 
x_improper_angle_d      ?     ? ? ? 'X-RAY DIFFRACTION' ? 
x_improper_angle_d_na   ?     ? ? ? 'X-RAY DIFFRACTION' ? 
x_improper_angle_d_prot ?     ? ? ? 'X-RAY DIFFRACTION' ? 
x_mcbond_it             ?     ? ? ? 'X-RAY DIFFRACTION' ? 
x_mcangle_it            ?     ? ? ? 'X-RAY DIFFRACTION' ? 
x_scbond_it             ?     ? ? ? 'X-RAY DIFFRACTION' ? 
x_scangle_it            ?     ? ? ? 'X-RAY DIFFRACTION' ? 
# 
loop_
_pdbx_xplor_file.serial_no 
_pdbx_xplor_file.param_file 
_pdbx_xplor_file.topol_file 
_pdbx_xplor_file.pdbx_refine_id 
1 PAR_NDB.DNA      TOP_NDB.DNA 'X-RAY DIFFRACTION' 
2 PAR_NDB_HIGH.DNA ?           'X-RAY DIFFRACTION' 
# 
_struct.entry_id                  314D 
_struct.title                     
;Z-DNA HEXAMER WITH 5' OVERHANGS THAT FORM A REVERSE WOBBLE BASE PAIR
;
_struct.pdbx_model_details        ? 
_struct.pdbx_CASP_flag            ? 
_struct.pdbx_model_type_details   ? 
# 
_struct_keywords.entry_id        314D 
_struct_keywords.pdbx_keywords   DNA 
_struct_keywords.text            'Z-DNA, DOUBLE HELIX, OVERHANGING BASE, FLIPPED-OUT BASE, DNA' 
# 
loop_
_struct_asym.id 
_struct_asym.pdbx_blank_PDB_chainid_flag 
_struct_asym.pdbx_modified 
_struct_asym.entity_id 
_struct_asym.details 
A N N 1 ? 
B N N 2 ? 
C N N 3 ? 
D N N 4 ? 
E N N 5 ? 
F N N 5 ? 
# 
loop_
_struct_ref.id 
_struct_ref.entity_id 
_struct_ref.db_name 
_struct_ref.db_code 
_struct_ref.pdbx_db_accession 
_struct_ref.pdbx_db_isoform 
_struct_ref.pdbx_seq_one_letter_code 
_struct_ref.pdbx_align_begin 
1 1 PDB 314D 314D ? ? ? 
2 2 PDB 314D 314D ? ? ? 
# 
loop_
_struct_ref_seq.align_id 
_struct_ref_seq.ref_id 
_struct_ref_seq.pdbx_PDB_id_code 
_struct_ref_seq.pdbx_strand_id 
_struct_ref_seq.seq_align_beg 
_struct_ref_seq.pdbx_seq_align_beg_ins_code 
_struct_ref_seq.seq_align_end 
_struct_ref_seq.pdbx_seq_align_end_ins_code 
_struct_ref_seq.pdbx_db_accession 
_struct_ref_seq.db_align_beg 
_struct_ref_seq.pdbx_db_align_beg_ins_code 
_struct_ref_seq.db_align_end 
_struct_ref_seq.pdbx_db_align_end_ins_code 
_struct_ref_seq.pdbx_auth_seq_align_beg 
_struct_ref_seq.pdbx_auth_seq_align_end 
1 1 314D A 1 ? 7 ? 314D 1 ? 7  ? 1 7  
2 2 314D B 1 ? 7 ? 314D 8 ? 14 ? 8 14 
# 
_pdbx_struct_assembly.id                   1 
_pdbx_struct_assembly.details              author_defined_assembly 
_pdbx_struct_assembly.method_details       ? 
_pdbx_struct_assembly.oligomeric_details   dimeric 
_pdbx_struct_assembly.oligomeric_count     2 
# 
_pdbx_struct_assembly_gen.assembly_id       1 
_pdbx_struct_assembly_gen.oper_expression   1 
_pdbx_struct_assembly_gen.asym_id_list      A,B,C,D,E,F 
# 
_pdbx_struct_oper_list.id                   1 
_pdbx_struct_oper_list.type                 'identity operation' 
_pdbx_struct_oper_list.name                 1_555 
_pdbx_struct_oper_list.symmetry_operation   x,y,z 
_pdbx_struct_oper_list.matrix[1][1]         1.0000000000 
_pdbx_struct_oper_list.matrix[1][2]         0.0000000000 
_pdbx_struct_oper_list.matrix[1][3]         0.0000000000 
_pdbx_struct_oper_list.vector[1]            0.0000000000 
_pdbx_struct_oper_list.matrix[2][1]         0.0000000000 
_pdbx_struct_oper_list.matrix[2][2]         1.0000000000 
_pdbx_struct_oper_list.matrix[2][3]         0.0000000000 
_pdbx_struct_oper_list.vector[2]            0.0000000000 
_pdbx_struct_oper_list.matrix[3][1]         0.0000000000 
_pdbx_struct_oper_list.matrix[3][2]         0.0000000000 
_pdbx_struct_oper_list.matrix[3][3]         1.0000000000 
_pdbx_struct_oper_list.vector[3]            0.0000000000 
# 
_struct_biol.id   1 
# 
loop_
_struct_conn.id 
_struct_conn.conn_type_id 
_struct_conn.pdbx_leaving_atom_flag 
_struct_conn.pdbx_PDB_id 
_struct_conn.ptnr1_label_asym_id 
_struct_conn.ptnr1_label_comp_id 
_struct_conn.ptnr1_label_seq_id 
_struct_conn.ptnr1_label_atom_id 
_struct_conn.pdbx_ptnr1_label_alt_id 
_struct_conn.pdbx_ptnr1_PDB_ins_code 
_struct_conn.pdbx_ptnr1_standard_comp_id 
_struct_conn.ptnr1_symmetry 
_struct_conn.ptnr2_label_asym_id 
_struct_conn.ptnr2_label_comp_id 
_struct_conn.ptnr2_label_seq_id 
_struct_conn.ptnr2_label_atom_id 
_struct_conn.pdbx_ptnr2_label_alt_id 
_struct_conn.pdbx_ptnr2_PDB_ins_code 
_struct_conn.ptnr1_auth_asym_id 
_struct_conn.ptnr1_auth_comp_id 
_struct_conn.ptnr1_auth_seq_id 
_struct_conn.ptnr2_auth_asym_id 
_struct_conn.ptnr2_auth_comp_id 
_struct_conn.ptnr2_auth_seq_id 
_struct_conn.ptnr2_symmetry 
_struct_conn.pdbx_ptnr3_label_atom_id 
_struct_conn.pdbx_ptnr3_label_seq_id 
_struct_conn.pdbx_ptnr3_label_comp_id 
_struct_conn.pdbx_ptnr3_label_asym_id 
_struct_conn.pdbx_ptnr3_label_alt_id 
_struct_conn.pdbx_ptnr3_PDB_ins_code 
_struct_conn.details 
_struct_conn.pdbx_dist_value 
_struct_conn.pdbx_value_order 
_struct_conn.pdbx_role 
metalc1  metalc ? ? C MG . MG ? ? ? 1_555 E HOH . O  ? ? A MG 16 A HOH 53 1_455 ? ? ? ? ? ? ?            3.097 ? ? 
metalc2  metalc ? ? C MG . MG ? ? ? 1_555 E HOH . O  ? ? A MG 16 A HOH 60 1_555 ? ? ? ? ? ? ?            2.270 ? ? 
metalc3  metalc ? ? C MG . MG ? ? ? 1_555 E HOH . O  ? ? A MG 16 A HOH 61 1_555 ? ? ? ? ? ? ?            2.029 ? ? 
metalc4  metalc ? ? C MG . MG ? ? ? 1_555 E HOH . O  ? ? A MG 16 A HOH 62 1_555 ? ? ? ? ? ? ?            2.104 ? ? 
metalc5  metalc ? ? C MG . MG ? ? ? 1_555 E HOH . O  ? ? A MG 16 A HOH 63 1_555 ? ? ? ? ? ? ?            1.898 ? ? 
metalc6  metalc ? ? C MG . MG ? ? ? 1_555 E HOH . O  ? ? A MG 16 A HOH 64 1_555 ? ? ? ? ? ? ?            1.904 ? ? 
metalc7  metalc ? ? C MG . MG ? ? ? 1_555 E HOH . O  ? ? A MG 16 A HOH 65 1_555 ? ? ? ? ? ? ?            2.061 ? ? 
hydrog1  hydrog ? ? A DC 2 N3 ? ? ? 1_555 B DG  7 N1 ? ? A DC 2  B DG  14 1_555 ? ? ? ? ? ? WATSON-CRICK ?     ? ? 
hydrog2  hydrog ? ? A DC 2 N4 ? ? ? 1_555 B DG  7 O6 ? ? A DC 2  B DG  14 1_555 ? ? ? ? ? ? WATSON-CRICK ?     ? ? 
hydrog3  hydrog ? ? A DC 2 O2 ? ? ? 1_555 B DG  7 N2 ? ? A DC 2  B DG  14 1_555 ? ? ? ? ? ? WATSON-CRICK ?     ? ? 
hydrog4  hydrog ? ? A DG 3 N1 ? ? ? 1_555 B DC  6 N3 ? ? A DG 3  B DC  13 1_555 ? ? ? ? ? ? WATSON-CRICK ?     ? ? 
hydrog5  hydrog ? ? A DG 3 N2 ? ? ? 1_555 B DC  6 O2 ? ? A DG 3  B DC  13 1_555 ? ? ? ? ? ? WATSON-CRICK ?     ? ? 
hydrog6  hydrog ? ? A DG 3 O6 ? ? ? 1_555 B DC  6 N4 ? ? A DG 3  B DC  13 1_555 ? ? ? ? ? ? WATSON-CRICK ?     ? ? 
hydrog7  hydrog ? ? A DC 4 N3 ? ? ? 1_555 B DG  5 N1 ? ? A DC 4  B DG  12 1_555 ? ? ? ? ? ? WATSON-CRICK ?     ? ? 
hydrog8  hydrog ? ? A DC 4 N4 ? ? ? 1_555 B DG  5 O6 ? ? A DC 4  B DG  12 1_555 ? ? ? ? ? ? WATSON-CRICK ?     ? ? 
hydrog9  hydrog ? ? A DC 4 O2 ? ? ? 1_555 B DG  5 N2 ? ? A DC 4  B DG  12 1_555 ? ? ? ? ? ? WATSON-CRICK ?     ? ? 
hydrog10 hydrog ? ? A DG 5 N1 ? ? ? 1_555 B DC  4 N3 ? ? A DG 5  B DC  11 1_555 ? ? ? ? ? ? WATSON-CRICK ?     ? ? 
hydrog11 hydrog ? ? A DG 5 N2 ? ? ? 1_555 B DC  4 O2 ? ? A DG 5  B DC  11 1_555 ? ? ? ? ? ? WATSON-CRICK ?     ? ? 
hydrog12 hydrog ? ? A DG 5 O6 ? ? ? 1_555 B DC  4 N4 ? ? A DG 5  B DC  11 1_555 ? ? ? ? ? ? WATSON-CRICK ?     ? ? 
hydrog13 hydrog ? ? A DC 6 N3 ? ? ? 1_555 B DG  3 N1 ? ? A DC 6  B DG  10 1_555 ? ? ? ? ? ? WATSON-CRICK ?     ? ? 
hydrog14 hydrog ? ? A DC 6 N4 ? ? ? 1_555 B DG  3 O6 ? ? A DC 6  B DG  10 1_555 ? ? ? ? ? ? WATSON-CRICK ?     ? ? 
hydrog15 hydrog ? ? A DC 6 O2 ? ? ? 1_555 B DG  3 N2 ? ? A DC 6  B DG  10 1_555 ? ? ? ? ? ? WATSON-CRICK ?     ? ? 
hydrog16 hydrog ? ? A DG 7 N1 ? ? ? 1_555 B DC  2 N3 ? ? A DG 7  B DC  9  1_555 ? ? ? ? ? ? WATSON-CRICK ?     ? ? 
hydrog17 hydrog ? ? A DG 7 N2 ? ? ? 1_555 B DC  2 O2 ? ? A DG 7  B DC  9  1_555 ? ? ? ? ? ? WATSON-CRICK ?     ? ? 
hydrog18 hydrog ? ? A DG 7 O6 ? ? ? 1_555 B DC  2 N4 ? ? A DG 7  B DC  9  1_555 ? ? ? ? ? ? WATSON-CRICK ?     ? ? 
# 
loop_
_struct_conn_type.id 
_struct_conn_type.criteria 
_struct_conn_type.reference 
metalc ? ? 
hydrog ? ? 
# 
loop_
_pdbx_struct_conn_angle.id 
_pdbx_struct_conn_angle.ptnr1_label_atom_id 
_pdbx_struct_conn_angle.ptnr1_label_alt_id 
_pdbx_struct_conn_angle.ptnr1_label_asym_id 
_pdbx_struct_conn_angle.ptnr1_label_comp_id 
_pdbx_struct_conn_angle.ptnr1_label_seq_id 
_pdbx_struct_conn_angle.ptnr1_auth_atom_id 
_pdbx_struct_conn_angle.ptnr1_auth_asym_id 
_pdbx_struct_conn_angle.ptnr1_auth_comp_id 
_pdbx_struct_conn_angle.ptnr1_auth_seq_id 
_pdbx_struct_conn_angle.ptnr1_PDB_ins_code 
_pdbx_struct_conn_angle.ptnr1_symmetry 
_pdbx_struct_conn_angle.ptnr2_label_atom_id 
_pdbx_struct_conn_angle.ptnr2_label_alt_id 
_pdbx_struct_conn_angle.ptnr2_label_asym_id 
_pdbx_struct_conn_angle.ptnr2_label_comp_id 
_pdbx_struct_conn_angle.ptnr2_label_seq_id 
_pdbx_struct_conn_angle.ptnr2_auth_atom_id 
_pdbx_struct_conn_angle.ptnr2_auth_asym_id 
_pdbx_struct_conn_angle.ptnr2_auth_comp_id 
_pdbx_struct_conn_angle.ptnr2_auth_seq_id 
_pdbx_struct_conn_angle.ptnr2_PDB_ins_code 
_pdbx_struct_conn_angle.ptnr2_symmetry 
_pdbx_struct_conn_angle.ptnr3_label_atom_id 
_pdbx_struct_conn_angle.ptnr3_label_alt_id 
_pdbx_struct_conn_angle.ptnr3_label_asym_id 
_pdbx_struct_conn_angle.ptnr3_label_comp_id 
_pdbx_struct_conn_angle.ptnr3_label_seq_id 
_pdbx_struct_conn_angle.ptnr3_auth_atom_id 
_pdbx_struct_conn_angle.ptnr3_auth_asym_id 
_pdbx_struct_conn_angle.ptnr3_auth_comp_id 
_pdbx_struct_conn_angle.ptnr3_auth_seq_id 
_pdbx_struct_conn_angle.ptnr3_PDB_ins_code 
_pdbx_struct_conn_angle.ptnr3_symmetry 
_pdbx_struct_conn_angle.value 
_pdbx_struct_conn_angle.value_esd 
1  O ? E HOH . ? A HOH 53 ? 1_455 MG ? C MG . ? A MG 16 ? 1_555 O ? E HOH . ? A HOH 60 ? 1_555 41.3  ? 
2  O ? E HOH . ? A HOH 53 ? 1_455 MG ? C MG . ? A MG 16 ? 1_555 O ? E HOH . ? A HOH 61 ? 1_555 142.4 ? 
3  O ? E HOH . ? A HOH 60 ? 1_555 MG ? C MG . ? A MG 16 ? 1_555 O ? E HOH . ? A HOH 61 ? 1_555 175.7 ? 
4  O ? E HOH . ? A HOH 53 ? 1_455 MG ? C MG . ? A MG 16 ? 1_555 O ? E HOH . ? A HOH 62 ? 1_555 100.1 ? 
5  O ? E HOH . ? A HOH 60 ? 1_555 MG ? C MG . ? A MG 16 ? 1_555 O ? E HOH . ? A HOH 62 ? 1_555 94.9  ? 
6  O ? E HOH . ? A HOH 61 ? 1_555 MG ? C MG . ? A MG 16 ? 1_555 O ? E HOH . ? A HOH 62 ? 1_555 82.5  ? 
7  O ? E HOH . ? A HOH 53 ? 1_455 MG ? C MG . ? A MG 16 ? 1_555 O ? E HOH . ? A HOH 63 ? 1_555 78.3  ? 
8  O ? E HOH . ? A HOH 60 ? 1_555 MG ? C MG . ? A MG 16 ? 1_555 O ? E HOH . ? A HOH 63 ? 1_555 83.5  ? 
9  O ? E HOH . ? A HOH 61 ? 1_555 MG ? C MG . ? A MG 16 ? 1_555 O ? E HOH . ? A HOH 63 ? 1_555 99.2  ? 
10 O ? E HOH . ? A HOH 62 ? 1_555 MG ? C MG . ? A MG 16 ? 1_555 O ? E HOH . ? A HOH 63 ? 1_555 178.3 ? 
11 O ? E HOH . ? A HOH 53 ? 1_455 MG ? C MG . ? A MG 16 ? 1_555 O ? E HOH . ? A HOH 64 ? 1_555 125.8 ? 
12 O ? E HOH . ? A HOH 60 ? 1_555 MG ? C MG . ? A MG 16 ? 1_555 O ? E HOH . ? A HOH 64 ? 1_555 84.9  ? 
13 O ? E HOH . ? A HOH 61 ? 1_555 MG ? C MG . ? A MG 16 ? 1_555 O ? E HOH . ? A HOH 64 ? 1_555 91.6  ? 
14 O ? E HOH . ? A HOH 62 ? 1_555 MG ? C MG . ? A MG 16 ? 1_555 O ? E HOH . ? A HOH 64 ? 1_555 88.0  ? 
15 O ? E HOH . ? A HOH 63 ? 1_555 MG ? C MG . ? A MG 16 ? 1_555 O ? E HOH . ? A HOH 64 ? 1_555 92.3  ? 
16 O ? E HOH . ? A HOH 53 ? 1_455 MG ? C MG . ? A MG 16 ? 1_555 O ? E HOH . ? A HOH 65 ? 1_555 47.9  ? 
17 O ? E HOH . ? A HOH 60 ? 1_555 MG ? C MG . ? A MG 16 ? 1_555 O ? E HOH . ? A HOH 65 ? 1_555 88.8  ? 
18 O ? E HOH . ? A HOH 61 ? 1_555 MG ? C MG . ? A MG 16 ? 1_555 O ? E HOH . ? A HOH 65 ? 1_555 94.7  ? 
19 O ? E HOH . ? A HOH 62 ? 1_555 MG ? C MG . ? A MG 16 ? 1_555 O ? E HOH . ? A HOH 65 ? 1_555 92.3  ? 
20 O ? E HOH . ? A HOH 63 ? 1_555 MG ? C MG . ? A MG 16 ? 1_555 O ? E HOH . ? A HOH 65 ? 1_555 87.2  ? 
21 O ? E HOH . ? A HOH 64 ? 1_555 MG ? C MG . ? A MG 16 ? 1_555 O ? E HOH . ? A HOH 65 ? 1_555 173.6 ? 
# 
loop_
_struct_site.id 
_struct_site.pdbx_evidence_code 
_struct_site.pdbx_auth_asym_id 
_struct_site.pdbx_auth_comp_id 
_struct_site.pdbx_auth_seq_id 
_struct_site.pdbx_auth_ins_code 
_struct_site.pdbx_num_residues 
_struct_site.details 
AC1 Software A MG  16 ? 8 'BINDING SITE FOR RESIDUE MG A 16'  
AC2 Software A NCO 15 ? 7 'BINDING SITE FOR RESIDUE NCO A 15' 
# 
loop_
_struct_site_gen.id 
_struct_site_gen.site_id 
_struct_site_gen.pdbx_num_res 
_struct_site_gen.label_comp_id 
_struct_site_gen.label_asym_id 
_struct_site_gen.label_seq_id 
_struct_site_gen.pdbx_auth_ins_code 
_struct_site_gen.auth_comp_id 
_struct_site_gen.auth_asym_id 
_struct_site_gen.auth_seq_id 
_struct_site_gen.label_atom_id 
_struct_site_gen.label_alt_id 
_struct_site_gen.symmetry 
_struct_site_gen.details 
1  AC1 8 HOH E . ? HOH A 53 . ? 1_455 ? 
2  AC1 8 HOH E . ? HOH A 60 . ? 1_555 ? 
3  AC1 8 HOH E . ? HOH A 61 . ? 1_555 ? 
4  AC1 8 HOH E . ? HOH A 62 . ? 1_555 ? 
5  AC1 8 HOH E . ? HOH A 63 . ? 1_555 ? 
6  AC1 8 HOH E . ? HOH A 64 . ? 1_555 ? 
7  AC1 8 HOH E . ? HOH A 65 . ? 1_555 ? 
8  AC1 8 DG  B 7 ? DG  B 14 . ? 3_545 ? 
9  AC2 7 DC  A 4 ? DC  A 4  . ? 1_555 ? 
10 AC2 7 DG  A 5 ? DG  A 5  . ? 1_555 ? 
11 AC2 7 DG  A 5 ? DG  A 5  . ? 3_545 ? 
12 AC2 7 HOH E . ? HOH A 43 . ? 1_555 ? 
13 AC2 7 HOH E . ? HOH A 54 . ? 1_555 ? 
14 AC2 7 HOH E . ? HOH A 55 . ? 1_555 ? 
15 AC2 7 DG  B 7 ? DG  B 14 . ? 3_545 ? 
# 
_pdbx_validate_symm_contact.id                1 
_pdbx_validate_symm_contact.PDB_model_num     1 
_pdbx_validate_symm_contact.auth_atom_id_1    O 
_pdbx_validate_symm_contact.auth_asym_id_1    A 
_pdbx_validate_symm_contact.auth_comp_id_1    HOH 
_pdbx_validate_symm_contact.auth_seq_id_1     53 
_pdbx_validate_symm_contact.PDB_ins_code_1    ? 
_pdbx_validate_symm_contact.label_alt_id_1    ? 
_pdbx_validate_symm_contact.site_symmetry_1   1_555 
_pdbx_validate_symm_contact.auth_atom_id_2    O 
_pdbx_validate_symm_contact.auth_asym_id_2    A 
_pdbx_validate_symm_contact.auth_comp_id_2    HOH 
_pdbx_validate_symm_contact.auth_seq_id_2     60 
_pdbx_validate_symm_contact.PDB_ins_code_2    ? 
_pdbx_validate_symm_contact.label_alt_id_2    ? 
_pdbx_validate_symm_contact.site_symmetry_2   1_655 
_pdbx_validate_symm_contact.dist              2.05 
# 
loop_
_chem_comp_atom.comp_id 
_chem_comp_atom.atom_id 
_chem_comp_atom.type_symbol 
_chem_comp_atom.pdbx_aromatic_flag 
_chem_comp_atom.pdbx_stereo_config 
_chem_comp_atom.pdbx_ordinal 
DC  OP3    O  N N 1   
DC  P      P  N N 2   
DC  OP1    O  N N 3   
DC  OP2    O  N N 4   
DC  "O5'"  O  N N 5   
DC  "C5'"  C  N N 6   
DC  "C4'"  C  N R 7   
DC  "O4'"  O  N N 8   
DC  "C3'"  C  N S 9   
DC  "O3'"  O  N N 10  
DC  "C2'"  C  N N 11  
DC  "C1'"  C  N R 12  
DC  N1     N  N N 13  
DC  C2     C  N N 14  
DC  O2     O  N N 15  
DC  N3     N  N N 16  
DC  C4     C  N N 17  
DC  N4     N  N N 18  
DC  C5     C  N N 19  
DC  C6     C  N N 20  
DC  HOP3   H  N N 21  
DC  HOP2   H  N N 22  
DC  "H5'"  H  N N 23  
DC  "H5''" H  N N 24  
DC  "H4'"  H  N N 25  
DC  "H3'"  H  N N 26  
DC  "HO3'" H  N N 27  
DC  "H2'"  H  N N 28  
DC  "H2''" H  N N 29  
DC  "H1'"  H  N N 30  
DC  H41    H  N N 31  
DC  H42    H  N N 32  
DC  H5     H  N N 33  
DC  H6     H  N N 34  
DG  OP3    O  N N 35  
DG  P      P  N N 36  
DG  OP1    O  N N 37  
DG  OP2    O  N N 38  
DG  "O5'"  O  N N 39  
DG  "C5'"  C  N N 40  
DG  "C4'"  C  N R 41  
DG  "O4'"  O  N N 42  
DG  "C3'"  C  N S 43  
DG  "O3'"  O  N N 44  
DG  "C2'"  C  N N 45  
DG  "C1'"  C  N R 46  
DG  N9     N  Y N 47  
DG  C8     C  Y N 48  
DG  N7     N  Y N 49  
DG  C5     C  Y N 50  
DG  C6     C  N N 51  
DG  O6     O  N N 52  
DG  N1     N  N N 53  
DG  C2     C  N N 54  
DG  N2     N  N N 55  
DG  N3     N  N N 56  
DG  C4     C  Y N 57  
DG  HOP3   H  N N 58  
DG  HOP2   H  N N 59  
DG  "H5'"  H  N N 60  
DG  "H5''" H  N N 61  
DG  "H4'"  H  N N 62  
DG  "H3'"  H  N N 63  
DG  "HO3'" H  N N 64  
DG  "H2'"  H  N N 65  
DG  "H2''" H  N N 66  
DG  "H1'"  H  N N 67  
DG  H8     H  N N 68  
DG  H1     H  N N 69  
DG  H21    H  N N 70  
DG  H22    H  N N 71  
DT  OP3    O  N N 72  
DT  P      P  N N 73  
DT  OP1    O  N N 74  
DT  OP2    O  N N 75  
DT  "O5'"  O  N N 76  
DT  "C5'"  C  N N 77  
DT  "C4'"  C  N R 78  
DT  "O4'"  O  N N 79  
DT  "C3'"  C  N S 80  
DT  "O3'"  O  N N 81  
DT  "C2'"  C  N N 82  
DT  "C1'"  C  N R 83  
DT  N1     N  N N 84  
DT  C2     C  N N 85  
DT  O2     O  N N 86  
DT  N3     N  N N 87  
DT  C4     C  N N 88  
DT  O4     O  N N 89  
DT  C5     C  N N 90  
DT  C7     C  N N 91  
DT  C6     C  N N 92  
DT  HOP3   H  N N 93  
DT  HOP2   H  N N 94  
DT  "H5'"  H  N N 95  
DT  "H5''" H  N N 96  
DT  "H4'"  H  N N 97  
DT  "H3'"  H  N N 98  
DT  "HO3'" H  N N 99  
DT  "H2'"  H  N N 100 
DT  "H2''" H  N N 101 
DT  "H1'"  H  N N 102 
DT  H3     H  N N 103 
DT  H71    H  N N 104 
DT  H72    H  N N 105 
DT  H73    H  N N 106 
DT  H6     H  N N 107 
HOH O      O  N N 108 
HOH H1     H  N N 109 
HOH H2     H  N N 110 
MG  MG     MG N N 111 
NCO CO     CO N N 112 
NCO N1     N  N N 113 
NCO N2     N  N N 114 
NCO N3     N  N N 115 
NCO N4     N  N N 116 
NCO N5     N  N N 117 
NCO N6     N  N N 118 
NCO HN11   H  N N 119 
NCO HN12   H  N N 120 
NCO HN13   H  N N 121 
NCO HN21   H  N N 122 
NCO HN22   H  N N 123 
NCO HN23   H  N N 124 
NCO HN31   H  N N 125 
NCO HN32   H  N N 126 
NCO HN33   H  N N 127 
NCO HN41   H  N N 128 
NCO HN42   H  N N 129 
NCO HN43   H  N N 130 
NCO HN51   H  N N 131 
NCO HN52   H  N N 132 
NCO HN53   H  N N 133 
NCO HN61   H  N N 134 
NCO HN62   H  N N 135 
NCO HN63   H  N N 136 
# 
loop_
_chem_comp_bond.comp_id 
_chem_comp_bond.atom_id_1 
_chem_comp_bond.atom_id_2 
_chem_comp_bond.value_order 
_chem_comp_bond.pdbx_aromatic_flag 
_chem_comp_bond.pdbx_stereo_config 
_chem_comp_bond.pdbx_ordinal 
DC  OP3   P      sing N N 1   
DC  OP3   HOP3   sing N N 2   
DC  P     OP1    doub N N 3   
DC  P     OP2    sing N N 4   
DC  P     "O5'"  sing N N 5   
DC  OP2   HOP2   sing N N 6   
DC  "O5'" "C5'"  sing N N 7   
DC  "C5'" "C4'"  sing N N 8   
DC  "C5'" "H5'"  sing N N 9   
DC  "C5'" "H5''" sing N N 10  
DC  "C4'" "O4'"  sing N N 11  
DC  "C4'" "C3'"  sing N N 12  
DC  "C4'" "H4'"  sing N N 13  
DC  "O4'" "C1'"  sing N N 14  
DC  "C3'" "O3'"  sing N N 15  
DC  "C3'" "C2'"  sing N N 16  
DC  "C3'" "H3'"  sing N N 17  
DC  "O3'" "HO3'" sing N N 18  
DC  "C2'" "C1'"  sing N N 19  
DC  "C2'" "H2'"  sing N N 20  
DC  "C2'" "H2''" sing N N 21  
DC  "C1'" N1     sing N N 22  
DC  "C1'" "H1'"  sing N N 23  
DC  N1    C2     sing N N 24  
DC  N1    C6     sing N N 25  
DC  C2    O2     doub N N 26  
DC  C2    N3     sing N N 27  
DC  N3    C4     doub N N 28  
DC  C4    N4     sing N N 29  
DC  C4    C5     sing N N 30  
DC  N4    H41    sing N N 31  
DC  N4    H42    sing N N 32  
DC  C5    C6     doub N N 33  
DC  C5    H5     sing N N 34  
DC  C6    H6     sing N N 35  
DG  OP3   P      sing N N 36  
DG  OP3   HOP3   sing N N 37  
DG  P     OP1    doub N N 38  
DG  P     OP2    sing N N 39  
DG  P     "O5'"  sing N N 40  
DG  OP2   HOP2   sing N N 41  
DG  "O5'" "C5'"  sing N N 42  
DG  "C5'" "C4'"  sing N N 43  
DG  "C5'" "H5'"  sing N N 44  
DG  "C5'" "H5''" sing N N 45  
DG  "C4'" "O4'"  sing N N 46  
DG  "C4'" "C3'"  sing N N 47  
DG  "C4'" "H4'"  sing N N 48  
DG  "O4'" "C1'"  sing N N 49  
DG  "C3'" "O3'"  sing N N 50  
DG  "C3'" "C2'"  sing N N 51  
DG  "C3'" "H3'"  sing N N 52  
DG  "O3'" "HO3'" sing N N 53  
DG  "C2'" "C1'"  sing N N 54  
DG  "C2'" "H2'"  sing N N 55  
DG  "C2'" "H2''" sing N N 56  
DG  "C1'" N9     sing N N 57  
DG  "C1'" "H1'"  sing N N 58  
DG  N9    C8     sing Y N 59  
DG  N9    C4     sing Y N 60  
DG  C8    N7     doub Y N 61  
DG  C8    H8     sing N N 62  
DG  N7    C5     sing Y N 63  
DG  C5    C6     sing N N 64  
DG  C5    C4     doub Y N 65  
DG  C6    O6     doub N N 66  
DG  C6    N1     sing N N 67  
DG  N1    C2     sing N N 68  
DG  N1    H1     sing N N 69  
DG  C2    N2     sing N N 70  
DG  C2    N3     doub N N 71  
DG  N2    H21    sing N N 72  
DG  N2    H22    sing N N 73  
DG  N3    C4     sing N N 74  
DT  OP3   P      sing N N 75  
DT  OP3   HOP3   sing N N 76  
DT  P     OP1    doub N N 77  
DT  P     OP2    sing N N 78  
DT  P     "O5'"  sing N N 79  
DT  OP2   HOP2   sing N N 80  
DT  "O5'" "C5'"  sing N N 81  
DT  "C5'" "C4'"  sing N N 82  
DT  "C5'" "H5'"  sing N N 83  
DT  "C5'" "H5''" sing N N 84  
DT  "C4'" "O4'"  sing N N 85  
DT  "C4'" "C3'"  sing N N 86  
DT  "C4'" "H4'"  sing N N 87  
DT  "O4'" "C1'"  sing N N 88  
DT  "C3'" "O3'"  sing N N 89  
DT  "C3'" "C2'"  sing N N 90  
DT  "C3'" "H3'"  sing N N 91  
DT  "O3'" "HO3'" sing N N 92  
DT  "C2'" "C1'"  sing N N 93  
DT  "C2'" "H2'"  sing N N 94  
DT  "C2'" "H2''" sing N N 95  
DT  "C1'" N1     sing N N 96  
DT  "C1'" "H1'"  sing N N 97  
DT  N1    C2     sing N N 98  
DT  N1    C6     sing N N 99  
DT  C2    O2     doub N N 100 
DT  C2    N3     sing N N 101 
DT  N3    C4     sing N N 102 
DT  N3    H3     sing N N 103 
DT  C4    O4     doub N N 104 
DT  C4    C5     sing N N 105 
DT  C5    C7     sing N N 106 
DT  C5    C6     doub N N 107 
DT  C7    H71    sing N N 108 
DT  C7    H72    sing N N 109 
DT  C7    H73    sing N N 110 
DT  C6    H6     sing N N 111 
HOH O     H1     sing N N 112 
HOH O     H2     sing N N 113 
NCO CO    N1     sing N N 114 
NCO CO    N2     sing N N 115 
NCO CO    N3     sing N N 116 
NCO CO    N4     sing N N 117 
NCO CO    N5     sing N N 118 
NCO CO    N6     sing N N 119 
NCO N1    HN11   sing N N 120 
NCO N1    HN12   sing N N 121 
NCO N1    HN13   sing N N 122 
NCO N2    HN21   sing N N 123 
NCO N2    HN22   sing N N 124 
NCO N2    HN23   sing N N 125 
NCO N3    HN31   sing N N 126 
NCO N3    HN32   sing N N 127 
NCO N3    HN33   sing N N 128 
NCO N4    HN41   sing N N 129 
NCO N4    HN42   sing N N 130 
NCO N4    HN43   sing N N 131 
NCO N5    HN51   sing N N 132 
NCO N5    HN52   sing N N 133 
NCO N5    HN53   sing N N 134 
NCO N6    HN61   sing N N 135 
NCO N6    HN62   sing N N 136 
NCO N6    HN63   sing N N 137 
# 
_ndb_struct_conf_na.entry_id   314D 
_ndb_struct_conf_na.feature    'z-form double helix' 
# 
loop_
_ndb_struct_na_base_pair.model_number 
_ndb_struct_na_base_pair.i_label_asym_id 
_ndb_struct_na_base_pair.i_label_comp_id 
_ndb_struct_na_base_pair.i_label_seq_id 
_ndb_struct_na_base_pair.i_symmetry 
_ndb_struct_na_base_pair.j_label_asym_id 
_ndb_struct_na_base_pair.j_label_comp_id 
_ndb_struct_na_base_pair.j_label_seq_id 
_ndb_struct_na_base_pair.j_symmetry 
_ndb_struct_na_base_pair.shear 
_ndb_struct_na_base_pair.stretch 
_ndb_struct_na_base_pair.stagger 
_ndb_struct_na_base_pair.buckle 
_ndb_struct_na_base_pair.propeller 
_ndb_struct_na_base_pair.opening 
_ndb_struct_na_base_pair.pair_number 
_ndb_struct_na_base_pair.pair_name 
_ndb_struct_na_base_pair.i_auth_asym_id 
_ndb_struct_na_base_pair.i_auth_seq_id 
_ndb_struct_na_base_pair.i_PDB_ins_code 
_ndb_struct_na_base_pair.j_auth_asym_id 
_ndb_struct_na_base_pair.j_auth_seq_id 
_ndb_struct_na_base_pair.j_PDB_ins_code 
_ndb_struct_na_base_pair.hbond_type_28 
_ndb_struct_na_base_pair.hbond_type_12 
1 A DC 2 1_555 B DG 7 1_555 -0.287 -0.223 -0.262 12.589  -1.178 4.445 1 A_DC2:DG14_B A 2 ? B 14 ? 19 1 
1 A DG 3 1_555 B DC 6 1_555 0.326  -0.134 0.101  -8.720  -0.479 1.512 2 A_DG3:DC13_B A 3 ? B 13 ? 19 1 
1 A DC 4 1_555 B DG 5 1_555 -0.158 -0.176 0.239  1.328   -0.939 3.569 3 A_DC4:DG12_B A 4 ? B 12 ? 19 1 
1 A DG 5 1_555 B DC 4 1_555 0.339  -0.236 0.227  -0.617  -0.130 1.807 4 A_DG5:DC11_B A 5 ? B 11 ? 19 1 
1 A DC 6 1_555 B DG 3 1_555 -0.603 -0.110 0.068  11.298  0.736  0.657 5 A_DC6:DG10_B A 6 ? B 10 ? 19 1 
1 A DG 7 1_555 B DC 2 1_555 0.339  -0.264 0.045  -10.744 2.345  2.179 6 A_DG7:DC9_B  A 7 ? B 9  ? 19 1 
# 
loop_
_ndb_struct_na_base_pair_step.model_number 
_ndb_struct_na_base_pair_step.i_label_asym_id_1 
_ndb_struct_na_base_pair_step.i_label_comp_id_1 
_ndb_struct_na_base_pair_step.i_label_seq_id_1 
_ndb_struct_na_base_pair_step.i_symmetry_1 
_ndb_struct_na_base_pair_step.j_label_asym_id_1 
_ndb_struct_na_base_pair_step.j_label_comp_id_1 
_ndb_struct_na_base_pair_step.j_label_seq_id_1 
_ndb_struct_na_base_pair_step.j_symmetry_1 
_ndb_struct_na_base_pair_step.i_label_asym_id_2 
_ndb_struct_na_base_pair_step.i_label_comp_id_2 
_ndb_struct_na_base_pair_step.i_label_seq_id_2 
_ndb_struct_na_base_pair_step.i_symmetry_2 
_ndb_struct_na_base_pair_step.j_label_asym_id_2 
_ndb_struct_na_base_pair_step.j_label_comp_id_2 
_ndb_struct_na_base_pair_step.j_label_seq_id_2 
_ndb_struct_na_base_pair_step.j_symmetry_2 
_ndb_struct_na_base_pair_step.shift 
_ndb_struct_na_base_pair_step.slide 
_ndb_struct_na_base_pair_step.rise 
_ndb_struct_na_base_pair_step.tilt 
_ndb_struct_na_base_pair_step.roll 
_ndb_struct_na_base_pair_step.twist 
_ndb_struct_na_base_pair_step.x_displacement 
_ndb_struct_na_base_pair_step.y_displacement 
_ndb_struct_na_base_pair_step.helical_rise 
_ndb_struct_na_base_pair_step.inclination 
_ndb_struct_na_base_pair_step.tip 
_ndb_struct_na_base_pair_step.helical_twist 
_ndb_struct_na_base_pair_step.step_number 
_ndb_struct_na_base_pair_step.step_name 
_ndb_struct_na_base_pair_step.i_auth_asym_id_1 
_ndb_struct_na_base_pair_step.i_auth_seq_id_1 
_ndb_struct_na_base_pair_step.i_PDB_ins_code_1 
_ndb_struct_na_base_pair_step.j_auth_asym_id_1 
_ndb_struct_na_base_pair_step.j_auth_seq_id_1 
_ndb_struct_na_base_pair_step.j_PDB_ins_code_1 
_ndb_struct_na_base_pair_step.i_auth_asym_id_2 
_ndb_struct_na_base_pair_step.i_auth_seq_id_2 
_ndb_struct_na_base_pair_step.i_PDB_ins_code_2 
_ndb_struct_na_base_pair_step.j_auth_asym_id_2 
_ndb_struct_na_base_pair_step.j_auth_seq_id_2 
_ndb_struct_na_base_pair_step.j_PDB_ins_code_2 
1 A DC 2 1_555 B DG 7 1_555 A DG 3 1_555 B DC 6 1_555 -0.093 5.472  3.986 -2.249 -1.174 -4.180  -51.009 -26.264 4.678 14.465  
-27.720 -4.889  1 AA_DC2DG3:DC13DG14_BB A 2 ? B 14 ? A 3 ? B 13 ? 
1 A DG 3 1_555 B DC 6 1_555 A DC 4 1_555 B DG 5 1_555 -0.029 -1.098 3.210 -0.393 -4.494 -49.913 1.610   -0.061  3.106 5.312   
-0.464  -50.103 2 AA_DG3DC4:DG12DC13_BB A 3 ? B 13 ? A 4 ? B 12 ? 
1 A DC 4 1_555 B DG 5 1_555 A DG 5 1_555 B DC 4 1_555 -0.055 5.227  3.797 0.725  1.395  -7.845  -41.634 1.769   2.818 -10.065 
5.231   -8.001  3 AA_DC4DG5:DC11DG12_BB A 4 ? B 12 ? A 5 ? B 11 ? 
1 A DG 5 1_555 B DC 4 1_555 A DC 6 1_555 B DG 3 1_555 -0.113 -1.011 3.223 1.309  -3.993 -51.881 1.412   -0.043  3.145 4.555   
1.493   -52.039 4 AA_DG5DC6:DG10DC11_BB A 5 ? B 11 ? A 6 ? B 10 ? 
1 A DC 6 1_555 B DG 3 1_555 A DG 7 1_555 B DC 2 1_555 0.189  5.776  4.218 -1.820 2.300  -5.716  -61.616 -6.278  1.740 -21.318 
-16.866 -6.424  5 AA_DC6DG7:DC9DG10_BB  A 6 ? B 10 ? A 7 ? B 9  ? 
# 
_atom_sites.entry_id                    314D 
_atom_sites.fract_transf_matrix[1][1]   -0.01627088 
_atom_sites.fract_transf_matrix[1][2]   0.00618137 
_atom_sites.fract_transf_matrix[1][3]   0.04613594 
_atom_sites.fract_transf_matrix[2][1]   0.01936711 
_atom_sites.fract_transf_matrix[2][2]   -0.02597583 
_atom_sites.fract_transf_matrix[2][3]   0.01031053 
_atom_sites.fract_transf_matrix[3][1]   0.01450772 
_atom_sites.fract_transf_matrix[3][2]   0.01219882 
_atom_sites.fract_transf_matrix[3][3]   0.00348206 
_atom_sites.fract_transf_vector[1]      0.227801 
_atom_sites.fract_transf_vector[2]      0.425382 
_atom_sites.fract_transf_vector[3]      0.261547 
# 
loop_
_atom_type.symbol 
C  
CO 
MG 
N  
O  
P  
# 
loop_
_atom_site.group_PDB 
_atom_site.id 
_atom_site.type_symbol 
_atom_site.label_atom_id 
_atom_site.label_alt_id 
_atom_site.label_comp_id 
_atom_site.label_asym_id 
_atom_site.label_entity_id 
_atom_site.label_seq_id 
_atom_site.pdbx_PDB_ins_code 
_atom_site.Cartn_x 
_atom_site.Cartn_y 
_atom_site.Cartn_z 
_atom_site.occupancy 
_atom_site.B_iso_or_equiv 
_atom_site.pdbx_formal_charge 
_atom_site.auth_seq_id 
_atom_site.auth_comp_id 
_atom_site.auth_asym_id 
_atom_site.auth_atom_id 
_atom_site.pdbx_PDB_model_num 
ATOM   1   O  "O5'" . DG  A 1 1 ? -12.823 -6.980  -2.117  1.00 32.86 ? 1  DG  A "O5'" 1 
ATOM   2   C  "C5'" . DG  A 1 1 ? -11.948 -5.841  -2.107  1.00 32.31 ? 1  DG  A "C5'" 1 
ATOM   3   C  "C4'" . DG  A 1 1 ? -12.601 -4.625  -1.510  1.00 32.12 ? 1  DG  A "C4'" 1 
ATOM   4   O  "O4'" . DG  A 1 1 ? -13.404 -4.985  -0.368  1.00 32.51 ? 1  DG  A "O4'" 1 
ATOM   5   C  "C3'" . DG  A 1 1 ? -11.603 -3.579  -1.041  1.00 31.69 ? 1  DG  A "C3'" 1 
ATOM   6   O  "O3'" . DG  A 1 1 ? -11.635 -2.486  -1.960  1.00 30.35 ? 1  DG  A "O3'" 1 
ATOM   7   C  "C2'" . DG  A 1 1 ? -12.166 -3.076  0.277   1.00 32.31 ? 1  DG  A "C2'" 1 
ATOM   8   C  "C1'" . DG  A 1 1 ? -13.143 -4.135  0.738   1.00 32.32 ? 1  DG  A "C1'" 1 
ATOM   9   N  N9    . DG  A 1 1 ? -12.641 -4.970  1.802   1.00 31.85 ? 1  DG  A N9    1 
ATOM   10  C  C8    . DG  A 1 1 ? -12.939 -4.904  3.140   1.00 31.98 ? 1  DG  A C8    1 
ATOM   11  N  N7    . DG  A 1 1 ? -12.360 -5.845  3.836   1.00 31.68 ? 1  DG  A N7    1 
ATOM   12  C  C5    . DG  A 1 1 ? -11.629 -6.567  2.899   1.00 31.29 ? 1  DG  A C5    1 
ATOM   13  C  C6    . DG  A 1 1 ? -10.775 -7.717  3.039   1.00 31.05 ? 1  DG  A C6    1 
ATOM   14  O  O6    . DG  A 1 1 ? -10.496 -8.371  4.056   1.00 31.11 ? 1  DG  A O6    1 
ATOM   15  N  N1    . DG  A 1 1 ? -10.222 -8.093  1.823   1.00 30.76 ? 1  DG  A N1    1 
ATOM   16  C  C2    . DG  A 1 1 ? -10.443 -7.466  0.634   1.00 30.74 ? 1  DG  A C2    1 
ATOM   17  N  N2    . DG  A 1 1 ? -9.819  -7.978  -0.418  1.00 30.89 ? 1  DG  A N2    1 
ATOM   18  N  N3    . DG  A 1 1 ? -11.223 -6.415  0.482   1.00 31.23 ? 1  DG  A N3    1 
ATOM   19  C  C4    . DG  A 1 1 ? -11.782 -6.024  1.643   1.00 31.36 ? 1  DG  A C4    1 
ATOM   20  P  P     . DC  A 1 2 ? -11.307 -2.734  -3.510  1.00 28.08 ? 2  DC  A P     1 
ATOM   21  O  OP1   . DC  A 1 2 ? -11.299 -1.371  -4.094  1.00 29.64 ? 2  DC  A OP1   1 
ATOM   22  O  OP2   . DC  A 1 2 ? -12.220 -3.761  -4.058  1.00 28.10 ? 2  DC  A OP2   1 
ATOM   23  O  "O5'" . DC  A 1 2 ? -9.817  -3.291  -3.503  1.00 26.73 ? 2  DC  A "O5'" 1 
ATOM   24  C  "C5'" . DC  A 1 2 ? -8.731  -2.500  -3.977  1.00 23.30 ? 2  DC  A "C5'" 1 
ATOM   25  C  "C4'" . DC  A 1 2 ? -7.446  -3.274  -3.814  1.00 20.94 ? 2  DC  A "C4'" 1 
ATOM   26  O  "O4'" . DC  A 1 2 ? -7.180  -3.366  -2.394  1.00 20.62 ? 2  DC  A "O4'" 1 
ATOM   27  C  "C3'" . DC  A 1 2 ? -7.560  -4.717  -4.313  1.00 19.54 ? 2  DC  A "C3'" 1 
ATOM   28  O  "O3'" . DC  A 1 2 ? -6.332  -5.146  -4.882  1.00 18.43 ? 2  DC  A "O3'" 1 
ATOM   29  C  "C2'" . DC  A 1 2 ? -7.782  -5.511  -3.044  1.00 19.46 ? 2  DC  A "C2'" 1 
ATOM   30  C  "C1'" . DC  A 1 2 ? -6.932  -4.723  -2.067  1.00 19.21 ? 2  DC  A "C1'" 1 
ATOM   31  N  N1    . DC  A 1 2 ? -7.292  -4.942  -0.637  1.00 17.69 ? 2  DC  A N1    1 
ATOM   32  C  C2    . DC  A 1 2 ? -6.810  -6.093  0.012   1.00 16.92 ? 2  DC  A C2    1 
ATOM   33  O  O2    . DC  A 1 2 ? -6.089  -6.887  -0.612  1.00 15.61 ? 2  DC  A O2    1 
ATOM   34  N  N3    . DC  A 1 2 ? -7.145  -6.310  1.298   1.00 16.10 ? 2  DC  A N3    1 
ATOM   35  C  C4    . DC  A 1 2 ? -7.920  -5.441  1.936   1.00 16.01 ? 2  DC  A C4    1 
ATOM   36  N  N4    . DC  A 1 2 ? -8.231  -5.716  3.193   1.00 15.95 ? 2  DC  A N4    1 
ATOM   37  C  C5    . DC  A 1 2 ? -8.413  -4.261  1.314   1.00 16.39 ? 2  DC  A C5    1 
ATOM   38  C  C6    . DC  A 1 2 ? -8.081  -4.053  0.037   1.00 17.31 ? 2  DC  A C6    1 
ATOM   39  P  P     . DG  A 1 3 ? -6.141  -5.139  -6.480  1.00 17.11 ? 3  DG  A P     1 
ATOM   40  O  OP1   . DG  A 1 3 ? -7.359  -5.651  -7.177  1.00 16.65 ? 3  DG  A OP1   1 
ATOM   41  O  OP2   . DG  A 1 3 ? -4.825  -5.762  -6.740  1.00 17.49 ? 3  DG  A OP2   1 
ATOM   42  O  "O5'" . DG  A 1 3 ? -5.954  -3.605  -6.820  1.00 16.53 ? 3  DG  A "O5'" 1 
ATOM   43  C  "C5'" . DG  A 1 3 ? -4.812  -2.879  -6.378  1.00 15.20 ? 3  DG  A "C5'" 1 
ATOM   44  C  "C4'" . DG  A 1 3 ? -5.049  -1.410  -6.624  1.00 15.10 ? 3  DG  A "C4'" 1 
ATOM   45  O  "O4'" . DG  A 1 3 ? -6.209  -0.977  -5.877  1.00 14.02 ? 3  DG  A "O4'" 1 
ATOM   46  C  "C3'" . DG  A 1 3 ? -3.898  -0.491  -6.237  1.00 14.56 ? 3  DG  A "C3'" 1 
ATOM   47  O  "O3'" . DG  A 1 3 ? -3.164  -0.252  -7.436  1.00 15.26 ? 3  DG  A "O3'" 1 
ATOM   48  C  "C2'" . DG  A 1 3 ? -4.592  0.768   -5.749  1.00 14.16 ? 3  DG  A "C2'" 1 
ATOM   49  C  "C1'" . DG  A 1 3 ? -6.022  0.339   -5.405  1.00 13.98 ? 3  DG  A "C1'" 1 
ATOM   50  N  N9    . DG  A 1 3 ? -6.323  0.321   -3.993  1.00 13.65 ? 3  DG  A N9    1 
ATOM   51  C  C8    . DG  A 1 3 ? -7.220  1.129   -3.356  1.00 13.31 ? 3  DG  A C8    1 
ATOM   52  N  N7    . DG  A 1 3 ? -7.284  0.912   -2.074  1.00 13.63 ? 3  DG  A N7    1 
ATOM   53  C  C5    . DG  A 1 3 ? -6.376  -0.112  -1.851  1.00 12.84 ? 3  DG  A C5    1 
ATOM   54  C  C6    . DG  A 1 3 ? -6.045  -0.792  -0.649  1.00 12.50 ? 3  DG  A C6    1 
ATOM   55  O  O6    . DG  A 1 3 ? -6.494  -0.594  0.503   1.00 11.42 ? 3  DG  A O6    1 
ATOM   56  N  N1    . DG  A 1 3 ? -5.100  -1.793  -0.881  1.00 11.77 ? 3  DG  A N1    1 
ATOM   57  C  C2    . DG  A 1 3 ? -4.558  -2.102  -2.106  1.00 11.27 ? 3  DG  A C2    1 
ATOM   58  N  N2    . DG  A 1 3 ? -3.679  -3.104  -2.138  1.00 9.57  ? 3  DG  A N2    1 
ATOM   59  N  N3    . DG  A 1 3 ? -4.866  -1.473  -3.227  1.00 12.41 ? 3  DG  A N3    1 
ATOM   60  C  C4    . DG  A 1 3 ? -5.776  -0.495  -3.026  1.00 12.96 ? 3  DG  A C4    1 
ATOM   61  P  P     . DC  A 1 4 ? -1.742  0.513   -7.391  1.00 16.20 ? 4  DC  A P     1 
ATOM   62  O  OP1   . DC  A 1 4 ? -1.853  1.798   -6.641  1.00 15.38 ? 4  DC  A OP1   1 
ATOM   63  O  OP2   . DC  A 1 4 ? -1.250  0.521   -8.795  1.00 16.15 ? 4  DC  A OP2   1 
ATOM   64  O  "O5'" . DC  A 1 4 ? -0.793  -0.493  -6.605  1.00 14.94 ? 4  DC  A "O5'" 1 
ATOM   65  C  "C5'" . DC  A 1 4 ? 0.568   -0.158  -6.337  1.00 14.13 ? 4  DC  A "C5'" 1 
ATOM   66  C  "C4'" . DC  A 1 4 ? 1.044   -0.909  -5.119  1.00 13.56 ? 4  DC  A "C4'" 1 
ATOM   67  O  "O4'" . DC  A 1 4 ? 0.581   -0.209  -3.943  1.00 12.49 ? 4  DC  A "O4'" 1 
ATOM   68  C  "C3'" . DC  A 1 4 ? 0.470   -2.329  -5.019  1.00 14.38 ? 4  DC  A "C3'" 1 
ATOM   69  O  "O3'" . DC  A 1 4 ? 1.419   -3.216  -4.422  1.00 16.42 ? 4  DC  A "O3'" 1 
ATOM   70  C  "C2'" . DC  A 1 4 ? -0.670  -2.173  -4.031  1.00 13.24 ? 4  DC  A "C2'" 1 
ATOM   71  C  "C1'" . DC  A 1 4 ? -0.094  -1.123  -3.107  1.00 12.18 ? 4  DC  A "C1'" 1 
ATOM   72  N  N1    . DC  A 1 4 ? -1.084  -0.398  -2.370  1.00 11.25 ? 4  DC  A N1    1 
ATOM   73  C  C2    . DC  A 1 4 ? -1.274  -0.706  -1.025  1.00 10.70 ? 4  DC  A C2    1 
ATOM   74  O  O2    . DC  A 1 4 ? -0.627  -1.621  -0.524  1.00 11.17 ? 4  DC  A O2    1 
ATOM   75  N  N3    . DC  A 1 4 ? -2.169  -0.011  -0.309  1.00 10.45 ? 4  DC  A N3    1 
ATOM   76  C  C4    . DC  A 1 4 ? -2.885  0.943   -0.890  1.00 9.76  ? 4  DC  A C4    1 
ATOM   77  N  N4    . DC  A 1 4 ? -3.755  1.595   -0.132  1.00 9.19  ? 4  DC  A N4    1 
ATOM   78  C  C5    . DC  A 1 4 ? -2.738  1.265   -2.268  1.00 10.38 ? 4  DC  A C5    1 
ATOM   79  C  C6    . DC  A 1 4 ? -1.828  0.578   -2.966  1.00 11.00 ? 4  DC  A C6    1 
ATOM   80  P  P     . DG  A 1 5 ? 2.346   -4.164  -5.333  1.00 17.40 ? 5  DG  A P     1 
ATOM   81  O  OP1   . DG  A 1 5 ? 1.555   -4.865  -6.379  1.00 17.95 ? 5  DG  A OP1   1 
ATOM   82  O  OP2   . DG  A 1 5 ? 3.087   -4.943  -4.321  1.00 17.52 ? 5  DG  A OP2   1 
ATOM   83  O  "O5'" . DG  A 1 5 ? 3.365   -3.165  -6.030  1.00 16.71 ? 5  DG  A "O5'" 1 
ATOM   84  C  "C5'" . DG  A 1 5 ? 4.411   -2.582  -5.289  1.00 16.43 ? 5  DG  A "C5'" 1 
ATOM   85  C  "C4'" . DG  A 1 5 ? 5.041   -1.497  -6.118  1.00 16.87 ? 5  DG  A "C4'" 1 
ATOM   86  O  "O4'" . DG  A 1 5 ? 3.990   -0.607  -6.522  1.00 16.65 ? 5  DG  A "O4'" 1 
ATOM   87  C  "C3'" . DG  A 1 5 ? 6.075   -0.642  -5.398  1.00 17.15 ? 5  DG  A "C3'" 1 
ATOM   88  O  "O3'" . DG  A 1 5 ? 7.375   -1.068  -5.825  1.00 18.44 ? 5  DG  A "O3'" 1 
ATOM   89  C  "C2'" . DG  A 1 5 ? 5.837   0.757   -5.953  1.00 16.77 ? 5  DG  A "C2'" 1 
ATOM   90  C  "C1'" . DG  A 1 5 ? 4.515   0.692   -6.707  1.00 15.80 ? 5  DG  A "C1'" 1 
ATOM   91  N  N9    . DG  A 1 5 ? 3.543   1.599   -6.161  1.00 15.15 ? 5  DG  A N9    1 
ATOM   92  C  C8    . DG  A 1 5 ? 2.865   2.589   -6.819  1.00 14.04 ? 5  DG  A C8    1 
ATOM   93  N  N7    . DG  A 1 5 ? 2.040   3.229   -6.047  1.00 13.86 ? 5  DG  A N7    1 
ATOM   94  C  C5    . DG  A 1 5 ? 2.186   2.631   -4.806  1.00 13.83 ? 5  DG  A C5    1 
ATOM   95  C  C6    . DG  A 1 5 ? 1.540   2.887   -3.593  1.00 13.38 ? 5  DG  A C6    1 
ATOM   96  O  O6    . DG  A 1 5 ? 0.707   3.732   -3.348  1.00 14.05 ? 5  DG  A O6    1 
ATOM   97  N  N1    . DG  A 1 5 ? 1.962   2.028   -2.589  1.00 13.77 ? 5  DG  A N1    1 
ATOM   98  C  C2    . DG  A 1 5 ? 2.895   1.048   -2.736  1.00 13.45 ? 5  DG  A C2    1 
ATOM   99  N  N2    . DG  A 1 5 ? 3.166   0.331   -1.651  1.00 13.24 ? 5  DG  A N2    1 
ATOM   100 N  N3    . DG  A 1 5 ? 3.517   0.797   -3.868  1.00 14.06 ? 5  DG  A N3    1 
ATOM   101 C  C4    . DG  A 1 5 ? 3.112   1.623   -4.858  1.00 14.18 ? 5  DG  A C4    1 
ATOM   102 P  P     . DC  A 1 6 ? 8.464   -1.571  -4.764  1.00 19.49 ? 6  DC  A P     1 
ATOM   103 O  OP1   . DC  A 1 6 ? 9.739   -1.555  -5.516  1.00 19.90 ? 6  DC  A OP1   1 
ATOM   104 O  OP2   . DC  A 1 6 ? 7.980   -2.843  -4.145  1.00 19.83 ? 6  DC  A OP2   1 
ATOM   105 O  "O5'" . DC  A 1 6 ? 8.530   -0.450  -3.643  1.00 17.58 ? 6  DC  A "O5'" 1 
ATOM   106 C  "C5'" . DC  A 1 6 ? 9.560   -0.472  -2.667  1.00 16.00 ? 6  DC  A "C5'" 1 
ATOM   107 C  "C4'" . DC  A 1 6 ? 9.056   0.136   -1.381  1.00 15.06 ? 6  DC  A "C4'" 1 
ATOM   108 O  "O4'" . DC  A 1 6 ? 8.530   1.445   -1.668  1.00 14.22 ? 6  DC  A "O4'" 1 
ATOM   109 C  "C3'" . DC  A 1 6 ? 7.920   -0.655  -0.732  1.00 14.80 ? 6  DC  A "C3'" 1 
ATOM   110 O  "O3'" . DC  A 1 6 ? 8.216   -0.894  0.643   1.00 15.50 ? 6  DC  A "O3'" 1 
ATOM   111 C  "C2'" . DC  A 1 6 ? 6.708   0.245   -0.848  1.00 14.30 ? 6  DC  A "C2'" 1 
ATOM   112 C  "C1'" . DC  A 1 6 ? 7.331   1.624   -0.938  1.00 13.95 ? 6  DC  A "C1'" 1 
ATOM   113 N  N1    . DC  A 1 6 ? 6.491   2.587   -1.669  1.00 13.90 ? 6  DC  A N1    1 
ATOM   114 C  C2    . DC  A 1 6 ? 5.440   3.190   -0.985  1.00 13.68 ? 6  DC  A C2    1 
ATOM   115 O  O2    . DC  A 1 6 ? 5.252   2.886   0.188   1.00 13.96 ? 6  DC  A O2    1 
ATOM   116 N  N3    . DC  A 1 6 ? 4.647   4.074   -1.624  1.00 13.28 ? 6  DC  A N3    1 
ATOM   117 C  C4    . DC  A 1 6 ? 4.849   4.336   -2.915  1.00 13.35 ? 6  DC  A C4    1 
ATOM   118 N  N4    . DC  A 1 6 ? 4.000   5.162   -3.498  1.00 13.01 ? 6  DC  A N4    1 
ATOM   119 C  C5    . DC  A 1 6 ? 5.921   3.745   -3.654  1.00 12.66 ? 6  DC  A C5    1 
ATOM   120 C  C6    . DC  A 1 6 ? 6.717   2.886   -2.993  1.00 14.02 ? 6  DC  A C6    1 
ATOM   121 P  P     . DG  A 1 7 ? 8.741   -2.342  1.105   1.00 16.03 ? 7  DG  A P     1 
ATOM   122 O  OP1   . DG  A 1 7 ? 7.829   -3.371  0.557   1.00 16.04 ? 7  DG  A OP1   1 
ATOM   123 O  OP2   . DG  A 1 7 ? 8.952   -2.258  2.579   1.00 16.29 ? 7  DG  A OP2   1 
ATOM   124 O  "O5'" . DG  A 1 7 ? 10.190  -2.432  0.443   1.00 15.68 ? 7  DG  A "O5'" 1 
ATOM   125 C  "C5'" . DG  A 1 7 ? 11.203  -1.507  0.818   1.00 16.72 ? 7  DG  A "C5'" 1 
ATOM   126 C  "C4'" . DG  A 1 7 ? 12.502  -1.807  0.103   1.00 16.98 ? 7  DG  A "C4'" 1 
ATOM   127 O  "O4'" . DG  A 1 7 ? 12.446  -1.213  -1.212  1.00 17.06 ? 7  DG  A "O4'" 1 
ATOM   128 C  "C3'" . DG  A 1 7 ? 13.731  -1.189  0.775   1.00 17.43 ? 7  DG  A "C3'" 1 
ATOM   129 O  "O3'" . DG  A 1 7 ? 14.935  -1.904  0.469   1.00 18.67 ? 7  DG  A "O3'" 1 
ATOM   130 C  "C2'" . DG  A 1 7 ? 13.864  0.159   0.092   1.00 17.33 ? 7  DG  A "C2'" 1 
ATOM   131 C  "C1'" . DG  A 1 7 ? 13.408  -0.171  -1.315  1.00 16.82 ? 7  DG  A "C1'" 1 
ATOM   132 N  N9    . DG  A 1 7 ? 12.785  0.930   -2.027  1.00 16.48 ? 7  DG  A N9    1 
ATOM   133 C  C8    . DG  A 1 7 ? 12.996  1.236   -3.348  1.00 17.18 ? 7  DG  A C8    1 
ATOM   134 N  N7    . DG  A 1 7 ? 12.298  2.258   -3.759  1.00 17.27 ? 7  DG  A N7    1 
ATOM   135 C  C5    . DG  A 1 7 ? 11.580  2.658   -2.640  1.00 16.34 ? 7  DG  A C5    1 
ATOM   136 C  C6    . DG  A 1 7 ? 10.709  3.759   -2.469  1.00 15.49 ? 7  DG  A C6    1 
ATOM   137 O  O6    . DG  A 1 7 ? 10.330  4.564   -3.313  1.00 14.63 ? 7  DG  A O6    1 
ATOM   138 N  N1    . DG  A 1 7 ? 10.271  3.867   -1.156  1.00 14.78 ? 7  DG  A N1    1 
ATOM   139 C  C2    . DG  A 1 7 ? 10.626  3.023   -0.141  1.00 14.69 ? 7  DG  A C2    1 
ATOM   140 N  N2    . DG  A 1 7 ? 10.094  3.309   1.037   1.00 14.34 ? 7  DG  A N2    1 
ATOM   141 N  N3    . DG  A 1 7 ? 11.433  1.983   -0.278  1.00 15.05 ? 7  DG  A N3    1 
ATOM   142 C  C4    . DG  A 1 7 ? 11.873  1.857   -1.554  1.00 16.36 ? 7  DG  A C4    1 
ATOM   143 O  "O5'" . DT  B 2 1 ? 6.210   16.002  3.668   1.00 34.24 ? 8  DT  B "O5'" 1 
ATOM   144 C  "C5'" . DT  B 2 1 ? 5.047   15.269  3.204   1.00 33.73 ? 8  DT  B "C5'" 1 
ATOM   145 C  "C4'" . DT  B 2 1 ? 4.904   13.908  3.849   1.00 33.16 ? 8  DT  B "C4'" 1 
ATOM   146 O  "O4'" . DT  B 2 1 ? 4.452   14.030  5.221   1.00 33.28 ? 8  DT  B "O4'" 1 
ATOM   147 C  "C3'" . DT  B 2 1 ? 3.971   12.926  3.134   1.00 32.49 ? 8  DT  B "C3'" 1 
ATOM   148 O  "O3'" . DT  B 2 1 ? 4.739   11.778  2.776   1.00 31.29 ? 8  DT  B "O3'" 1 
ATOM   149 C  "C2'" . DT  B 2 1 ? 2.995   12.466  4.203   1.00 32.43 ? 8  DT  B "C2'" 1 
ATOM   150 C  "C1'" . DT  B 2 1 ? 3.243   13.318  5.442   1.00 32.09 ? 8  DT  B "C1'" 1 
ATOM   151 N  N1    . DT  B 2 1 ? 2.216   14.284  5.688   1.00 31.07 ? 8  DT  B N1    1 
ATOM   152 C  C2    . DT  B 2 1 ? 1.721   14.984  4.613   1.00 30.63 ? 8  DT  B C2    1 
ATOM   153 O  O2    . DT  B 2 1 ? 2.075   14.796  3.464   1.00 30.72 ? 8  DT  B O2    1 
ATOM   154 N  N3    . DT  B 2 1 ? 0.788   15.924  4.929   1.00 30.43 ? 8  DT  B N3    1 
ATOM   155 C  C4    . DT  B 2 1 ? 0.286   16.221  6.176   1.00 30.30 ? 8  DT  B C4    1 
ATOM   156 O  O4    . DT  B 2 1 ? -0.551  17.125  6.292   1.00 29.81 ? 8  DT  B O4    1 
ATOM   157 C  C5    . DT  B 2 1 ? 0.818   15.413  7.259   1.00 30.27 ? 8  DT  B C5    1 
ATOM   158 C  C7    . DT  B 2 1 ? 0.288   15.609  8.642   1.00 30.39 ? 8  DT  B C7    1 
ATOM   159 C  C6    . DT  B 2 1 ? 1.756   14.505  6.963   1.00 30.53 ? 8  DT  B C6    1 
ATOM   160 P  P     . DC  B 2 2 ? 4.797   11.282  1.253   1.00 30.63 ? 9  DC  B P     1 
ATOM   161 O  OP1   . DC  B 2 2 ? 6.182   11.635  0.799   1.00 29.90 ? 9  DC  B OP1   1 
ATOM   162 O  OP2   . DC  B 2 2 ? 3.612   11.737  0.490   1.00 30.56 ? 9  DC  B OP2   1 
ATOM   163 O  "O5'" . DC  B 2 2 ? 4.580   9.710   1.377   1.00 27.45 ? 9  DC  B "O5'" 1 
ATOM   164 C  "C5'" . DC  B 2 2 ? 3.617   9.184   2.274   1.00 22.85 ? 9  DC  B "C5'" 1 
ATOM   165 C  "C4'" . DC  B 2 2 ? 4.096   7.861   2.809   1.00 20.29 ? 9  DC  B "C4'" 1 
ATOM   166 O  "O4'" . DC  B 2 2 ? 4.516   7.078   1.671   1.00 18.67 ? 9  DC  B "O4'" 1 
ATOM   167 C  "C3'" . DC  B 2 2 ? 5.325   7.991   3.710   1.00 19.01 ? 9  DC  B "C3'" 1 
ATOM   168 O  "O3'" . DC  B 2 2 ? 5.314   6.980   4.716   1.00 18.21 ? 9  DC  B "O3'" 1 
ATOM   169 C  "C2'" . DC  B 2 2 ? 6.470   7.723   2.760   1.00 18.19 ? 9  DC  B "C2'" 1 
ATOM   170 C  "C1'" . DC  B 2 2 ? 5.869   6.689   1.832   1.00 17.69 ? 9  DC  B "C1'" 1 
ATOM   171 N  N1    . DC  B 2 2 ? 6.504   6.645   0.478   1.00 16.71 ? 9  DC  B N1    1 
ATOM   172 C  C2    . DC  B 2 2 ? 7.592   5.789   0.268   1.00 15.68 ? 9  DC  B C2    1 
ATOM   173 O  O2    . DC  B 2 2 ? 8.018   5.104   1.209   1.00 15.39 ? 9  DC  B O2    1 
ATOM   174 N  N3    . DC  B 2 2 ? 8.155   5.728   -0.956  1.00 15.46 ? 9  DC  B N3    1 
ATOM   175 C  C4    . DC  B 2 2 ? 7.677   6.471   -1.949  1.00 15.34 ? 9  DC  B C4    1 
ATOM   176 N  N4    . DC  B 2 2 ? 8.253   6.336   -3.143  1.00 15.81 ? 9  DC  B N4    1 
ATOM   177 C  C5    . DC  B 2 2 ? 6.587   7.369   -1.764  1.00 15.68 ? 9  DC  B C5    1 
ATOM   178 C  C6    . DC  B 2 2 ? 6.032   7.421   -0.546  1.00 16.05 ? 9  DC  B C6    1 
ATOM   179 P  P     . DG  B 2 3 ? 4.869   7.345   6.211   1.00 17.41 ? 10 DG  B P     1 
ATOM   180 O  OP1   . DG  B 2 3 ? 5.401   8.666   6.598   1.00 18.32 ? 10 DG  B OP1   1 
ATOM   181 O  OP2   . DG  B 2 3 ? 5.153   6.164   7.035   1.00 17.71 ? 10 DG  B OP2   1 
ATOM   182 O  "O5'" . DG  B 2 3 ? 3.288   7.466   6.136   1.00 17.33 ? 10 DG  B "O5'" 1 
ATOM   183 C  "C5'" . DG  B 2 3 ? 2.499   6.334   5.797   1.00 16.52 ? 10 DG  B "C5'" 1 
ATOM   184 C  "C4'" . DG  B 2 3 ? 1.056   6.748   5.652   1.00 15.58 ? 10 DG  B "C4'" 1 
ATOM   185 O  "O4'" . DG  B 2 3 ? 0.940   7.684   4.569   1.00 14.63 ? 10 DG  B "O4'" 1 
ATOM   186 C  "C3'" . DG  B 2 3 ? 0.113   5.601   5.326   1.00 15.70 ? 10 DG  B "C3'" 1 
ATOM   187 O  "O3'" . DG  B 2 3 ? -0.432  5.200   6.573   1.00 16.59 ? 10 DG  B "O3'" 1 
ATOM   188 C  "C2'" . DG  B 2 3 ? -0.944  6.234   4.438   1.00 15.13 ? 10 DG  B "C2'" 1 
ATOM   189 C  "C1'" . DG  B 2 3 ? -0.258  7.464   3.849   1.00 14.84 ? 10 DG  B "C1'" 1 
ATOM   190 N  N9    . DG  B 2 3 ? 0.108   7.389   2.436   1.00 15.54 ? 10 DG  B N9    1 
ATOM   191 C  C8    . DG  B 2 3 ? -0.354  8.207   1.432   1.00 15.75 ? 10 DG  B C8    1 
ATOM   192 N  N7    . DG  B 2 3 ? 0.161   7.931   0.265   1.00 16.05 ? 10 DG  B N7    1 
ATOM   193 C  C5    . DG  B 2 3 ? 1.011   6.855   0.506   1.00 15.22 ? 10 DG  B C5    1 
ATOM   194 C  C6    . DG  B 2 3 ? 1.861   6.122   -0.383  1.00 14.67 ? 10 DG  B C6    1 
ATOM   195 O  O6    . DG  B 2 3 ? 2.024   6.273   -1.600  1.00 14.41 ? 10 DG  B O6    1 
ATOM   196 N  N1    . DG  B 2 3 ? 2.568   5.135   0.289   1.00 13.12 ? 10 DG  B N1    1 
ATOM   197 C  C2    . DG  B 2 3 ? 2.494   4.893   1.628   1.00 13.13 ? 10 DG  B C2    1 
ATOM   198 N  N2    . DG  B 2 3 ? 3.298   3.945   2.077   1.00 12.29 ? 10 DG  B N2    1 
ATOM   199 N  N3    . DG  B 2 3 ? 1.705   5.541   2.465   1.00 13.71 ? 10 DG  B N3    1 
ATOM   200 C  C4    . DG  B 2 3 ? 0.994   6.505   1.841   1.00 14.97 ? 10 DG  B C4    1 
ATOM   201 P  P     . DC  B 2 4 ? -1.349  3.896   6.666   1.00 17.70 ? 11 DC  B P     1 
ATOM   202 O  OP1   . DC  B 2 4 ? -2.483  4.019   5.704   1.00 17.88 ? 11 DC  B OP1   1 
ATOM   203 O  OP2   . DC  B 2 4 ? -1.609  3.780   8.137   1.00 17.67 ? 11 DC  B OP2   1 
ATOM   204 O  "O5'" . DC  B 2 4 ? -0.430  2.684   6.184   1.00 16.41 ? 11 DC  B "O5'" 1 
ATOM   205 C  "C5'" . DC  B 2 4 ? -0.914  1.341   6.218   1.00 14.53 ? 11 DC  B "C5'" 1 
ATOM   206 C  "C4'" . DC  B 2 4 ? -0.016  0.450   5.393   1.00 13.85 ? 11 DC  B "C4'" 1 
ATOM   207 O  "O4'" . DC  B 2 4 ? -0.404  0.574   4.005   1.00 12.69 ? 11 DC  B "O4'" 1 
ATOM   208 C  "C3'" . DC  B 2 4 ? 1.474   0.806   5.457   1.00 14.36 ? 11 DC  B "C3'" 1 
ATOM   209 O  "O3'" . DC  B 2 4 ? 2.293   -0.378  5.400   1.00 16.20 ? 11 DC  B "O3'" 1 
ATOM   210 C  "C2'" . DC  B 2 4 ? 1.684   1.603   4.180   1.00 13.03 ? 11 DC  B "C2'" 1 
ATOM   211 C  "C1'" . DC  B 2 4 ? 0.725   0.915   3.226   1.00 12.20 ? 11 DC  B "C1'" 1 
ATOM   212 N  N1    . DC  B 2 4 ? 0.266   1.771   2.114   1.00 12.06 ? 11 DC  B N1    1 
ATOM   213 C  C2    . DC  B 2 4 ? 0.846   1.599   0.844   1.00 11.82 ? 11 DC  B C2    1 
ATOM   214 O  O2    . DC  B 2 4 ? 1.692   0.702   0.676   1.00 11.31 ? 11 DC  B O2    1 
ATOM   215 N  N3    . DC  B 2 4 ? 0.468   2.412   -0.168  1.00 11.90 ? 11 DC  B N3    1 
ATOM   216 C  C4    . DC  B 2 4 ? -0.445  3.361   0.042   1.00 11.59 ? 11 DC  B C4    1 
ATOM   217 N  N4    . DC  B 2 4 ? -0.759  4.150   -0.985  1.00 11.87 ? 11 DC  B N4    1 
ATOM   218 C  C5    . DC  B 2 4 ? -1.070  3.544   1.313   1.00 11.41 ? 11 DC  B C5    1 
ATOM   219 C  C6    . DC  B 2 4 ? -0.688  2.735   2.310   1.00 11.60 ? 11 DC  B C6    1 
ATOM   220 P  P     . DG  B 2 5 ? 2.806   -1.119  6.750   1.00 16.56 ? 12 DG  B P     1 
ATOM   221 O  OP1   . DG  B 2 5 ? 3.335   -0.138  7.721   1.00 17.90 ? 12 DG  B OP1   1 
ATOM   222 O  OP2   . DG  B 2 5 ? 3.702   -2.161  6.213   1.00 17.10 ? 12 DG  B OP2   1 
ATOM   223 O  "O5'" . DG  B 2 5 ? 1.513   -1.790  7.386   1.00 15.66 ? 12 DG  B "O5'" 1 
ATOM   224 C  "C5'" . DG  B 2 5 ? 0.902   -2.913  6.768   1.00 15.27 ? 12 DG  B "C5'" 1 
ATOM   225 C  "C4'" . DG  B 2 5 ? -0.445  -3.180  7.397   1.00 14.02 ? 12 DG  B "C4'" 1 
ATOM   226 O  "O4'" . DG  B 2 5 ? -1.244  -1.983  7.367   1.00 13.61 ? 12 DG  B "O4'" 1 
ATOM   227 C  "C3'" . DG  B 2 5 ? -1.282  -4.228  6.674   1.00 14.65 ? 12 DG  B "C3'" 1 
ATOM   228 O  "O3'" . DG  B 2 5 ? -1.001  -5.511  7.228   1.00 16.40 ? 12 DG  B "O3'" 1 
ATOM   229 C  "C2'" . DG  B 2 5 ? -2.712  -3.832  6.991   1.00 13.75 ? 12 DG  B "C2'" 1 
ATOM   230 C  "C1'" . DG  B 2 5 ? -2.624  -2.333  7.293   1.00 13.21 ? 12 DG  B "C1'" 1 
ATOM   231 N  N9    . DG  B 2 5 ? -3.229  -1.468  6.291   1.00 11.81 ? 12 DG  B N9    1 
ATOM   232 C  C8    . DG  B 2 5 ? -4.221  -0.553  6.512   1.00 11.77 ? 12 DG  B C8    1 
ATOM   233 N  N7    . DG  B 2 5 ? -4.523  0.141   5.454   1.00 10.88 ? 12 DG  B N7    1 
ATOM   234 C  C5    . DG  B 2 5 ? -3.687  -0.361  4.470   1.00 10.73 ? 12 DG  B C5    1 
ATOM   235 C  C6    . DG  B 2 5 ? -3.585  -0.020  3.116   1.00 9.10  ? 12 DG  B C6    1 
ATOM   236 O  O6    . DG  B 2 5 ? -4.161  0.879   2.517   1.00 8.18  ? 12 DG  B O6    1 
ATOM   237 N  N1    . DG  B 2 5 ? -2.692  -0.836  2.446   1.00 9.41  ? 12 DG  B N1    1 
ATOM   238 C  C2    . DG  B 2 5 ? -1.965  -1.835  3.019   1.00 9.31  ? 12 DG  B C2    1 
ATOM   239 N  N2    . DG  B 2 5 ? -1.183  -2.516  2.198   1.00 8.34  ? 12 DG  B N2    1 
ATOM   240 N  N3    . DG  B 2 5 ? -2.014  -2.145  4.300   1.00 10.34 ? 12 DG  B N3    1 
ATOM   241 C  C4    . DG  B 2 5 ? -2.899  -1.373  4.964   1.00 10.86 ? 12 DG  B C4    1 
ATOM   242 P  P     . DC  B 2 6 ? -0.352  -6.648  6.302   1.00 17.69 ? 13 DC  B P     1 
ATOM   243 O  OP1   . DC  B 2 6 ? -0.066  -7.800  7.197   1.00 18.84 ? 13 DC  B OP1   1 
ATOM   244 O  OP2   . DC  B 2 6 ? 0.752   -6.063  5.486   1.00 17.00 ? 13 DC  B OP2   1 
ATOM   245 O  "O5'" . DC  B 2 6 ? -1.580  -7.077  5.385   1.00 16.65 ? 13 DC  B "O5'" 1 
ATOM   246 C  "C5'" . DC  B 2 6 ? -1.679  -8.389  4.858   1.00 15.44 ? 13 DC  B "C5'" 1 
ATOM   247 C  "C4'" . DC  B 2 6 ? -1.785  -8.313  3.356   1.00 14.85 ? 13 DC  B "C4'" 1 
ATOM   248 O  "O4'" . DC  B 2 6 ? -2.985  -7.576  3.027   1.00 14.77 ? 13 DC  B "O4'" 1 
ATOM   249 C  "C3'" . DC  B 2 6 ? -0.630  -7.555  2.710   1.00 14.53 ? 13 DC  B "C3'" 1 
ATOM   250 O  "O3'" . DC  B 2 6 ? -0.249  -8.205  1.504   1.00 15.48 ? 13 DC  B "O3'" 1 
ATOM   251 C  "C2'" . DC  B 2 6 ? -1.219  -6.198  2.380   1.00 14.60 ? 13 DC  B "C2'" 1 
ATOM   252 C  "C1'" . DC  B 2 6 ? -2.672  -6.539  2.116   1.00 14.22 ? 13 DC  B "C1'" 1 
ATOM   253 N  N1    . DC  B 2 6 ? -3.607  -5.393  2.358   1.00 13.39 ? 13 DC  B N1    1 
ATOM   254 C  C2    . DC  B 2 6 ? -3.877  -4.542  1.302   1.00 12.10 ? 13 DC  B C2    1 
ATOM   255 O  O2    . DC  B 2 6 ? -3.360  -4.776  0.196   1.00 12.15 ? 13 DC  B O2    1 
ATOM   256 N  N3    . DC  B 2 6 ? -4.687  -3.495  1.498   1.00 11.65 ? 13 DC  B N3    1 
ATOM   257 C  C4    . DC  B 2 6 ? -5.223  -3.278  2.689   1.00 10.87 ? 13 DC  B C4    1 
ATOM   258 N  N4    . DC  B 2 6 ? -5.995  -2.213  2.820   1.00 10.91 ? 13 DC  B N4    1 
ATOM   259 C  C5    . DC  B 2 6 ? -4.982  -4.136  3.790   1.00 11.60 ? 13 DC  B C5    1 
ATOM   260 C  C6    . DC  B 2 6 ? -4.175  -5.176  3.583   1.00 12.26 ? 13 DC  B C6    1 
ATOM   261 P  P     . DG  B 2 7 ? 0.986   -9.225  1.512   1.00 15.52 ? 14 DG  B P     1 
ATOM   262 O  OP1   . DG  B 2 7 ? 2.158   -8.596  2.183   1.00 15.73 ? 14 DG  B OP1   1 
ATOM   263 O  OP2   . DG  B 2 7 ? 1.133   -9.751  0.143   1.00 16.61 ? 14 DG  B OP2   1 
ATOM   264 O  "O5'" . DG  B 2 7 ? 0.483   -10.440 2.405   1.00 16.17 ? 14 DG  B "O5'" 1 
ATOM   265 C  "C5'" . DG  B 2 7 ? -0.729  -11.148 2.121   1.00 16.16 ? 14 DG  B "C5'" 1 
ATOM   266 C  "C4'" . DG  B 2 7 ? -0.978  -12.187 3.193   1.00 15.89 ? 14 DG  B "C4'" 1 
ATOM   267 O  "O4'" . DG  B 2 7 ? -1.697  -11.593 4.291   1.00 15.61 ? 14 DG  B "O4'" 1 
ATOM   268 C  "C3'" . DG  B 2 7 ? -1.779  -13.424 2.796   1.00 16.46 ? 14 DG  B "C3'" 1 
ATOM   269 O  "O3'" . DG  B 2 7 ? -1.154  -14.504 3.515   1.00 17.04 ? 14 DG  B "O3'" 1 
ATOM   270 C  "C2'" . DG  B 2 7 ? -3.186  -13.103 3.279   1.00 16.06 ? 14 DG  B "C2'" 1 
ATOM   271 C  "C1'" . DG  B 2 7 ? -2.936  -12.233 4.496   1.00 15.36 ? 14 DG  B "C1'" 1 
ATOM   272 N  N9    . DG  B 2 7 ? -3.909  -11.184 4.759   1.00 15.40 ? 14 DG  B N9    1 
ATOM   273 C  C8    . DG  B 2 7 ? -4.411  -10.834 5.986   1.00 15.98 ? 14 DG  B C8    1 
ATOM   274 N  N7    . DG  B 2 7 ? -5.267  -9.851  5.934   1.00 16.04 ? 14 DG  B N7    1 
ATOM   275 C  C5    . DG  B 2 7 ? -5.334  -9.532  4.584   1.00 15.97 ? 14 DG  B C5    1 
ATOM   276 C  C6    . DG  B 2 7 ? -6.059  -8.518  3.917   1.00 15.63 ? 14 DG  B C6    1 
ATOM   277 O  O6    . DG  B 2 7 ? -6.851  -7.702  4.382   1.00 16.37 ? 14 DG  B O6    1 
ATOM   278 N  N1    . DG  B 2 7 ? -5.785  -8.506  2.563   1.00 15.23 ? 14 DG  B N1    1 
ATOM   279 C  C2    . DG  B 2 7 ? -4.926  -9.347  1.928   1.00 14.60 ? 14 DG  B C2    1 
ATOM   280 N  N2    . DG  B 2 7 ? -4.801  -9.153  0.617   1.00 13.99 ? 14 DG  B N2    1 
ATOM   281 N  N3    . DG  B 2 7 ? -4.245  -10.297 2.523   1.00 14.66 ? 14 DG  B N3    1 
ATOM   282 C  C4    . DG  B 2 7 ? -4.496  -10.340 3.846   1.00 15.67 ? 14 DG  B C4    1 
HETATM 283 MG MG    . MG  C 3 . ? 0.380   2.046   -12.201 1.00 21.74 ? 16 MG  A MG    1 
HETATM 284 CO CO    . NCO D 4 . ? -1.228  5.507   -6.276  0.90 16.58 ? 15 NCO A CO    1 
HETATM 285 N  N1    . NCO D 4 . ? -1.555  4.264   -4.816  0.90 15.33 ? 15 NCO A N1    1 
HETATM 286 N  N2    . NCO D 4 . ? -1.946  6.630   -4.955  0.90 16.00 ? 15 NCO A N2    1 
HETATM 287 N  N3    . NCO D 4 . ? -0.891  7.032   -7.668  0.90 15.29 ? 15 NCO A N3    1 
HETATM 288 N  N4    . NCO D 4 . ? -0.263  4.130   -7.564  0.90 15.28 ? 15 NCO A N4    1 
HETATM 289 N  N5    . NCO D 4 . ? 0.448   6.102   -5.485  0.90 15.06 ? 15 NCO A N5    1 
HETATM 290 N  N6    . NCO D 4 . ? -2.935  4.879   -7.079  0.90 15.54 ? 15 NCO A N6    1 
HETATM 291 O  O     . HOH E 5 . ? -9.713  -3.174  3.905   1.00 51.75 ? 18 HOH A O     1 
HETATM 292 O  O     . HOH E 5 . ? 4.018   6.226   -6.266  1.00 25.80 ? 19 HOH A O     1 
HETATM 293 O  O     . HOH E 5 . ? -10.953 -8.316  7.332   1.00 34.84 ? 20 HOH A O     1 
HETATM 294 O  O     . HOH E 5 . ? -7.046  1.432   2.390   1.00 33.07 ? 21 HOH A O     1 
HETATM 295 O  O     . HOH E 5 . ? 11.455  5.943   -5.871  1.00 41.07 ? 22 HOH A O     1 
HETATM 296 O  O     . HOH E 5 . ? -0.121  -4.557  -1.041  1.00 22.96 ? 24 HOH A O     1 
HETATM 297 O  O     . HOH E 5 . ? 2.097   -2.667  0.111   1.00 43.57 ? 25 HOH A O     1 
HETATM 298 O  O     . HOH E 5 . ? 6.595   1.448   3.012   1.00 31.27 ? 27 HOH A O     1 
HETATM 299 O  O     . HOH E 5 . ? 6.517   -3.788  -2.329  1.00 31.90 ? 28 HOH A O     1 
HETATM 300 O  O     . HOH E 5 . ? 12.222  -2.171  -8.184  1.00 34.14 ? 29 HOH A O     1 
HETATM 301 O  O     . HOH E 5 . ? 4.414   -2.120  -1.269  1.00 26.03 ? 31 HOH A O     1 
HETATM 302 O  O     . HOH E 5 . ? -2.778  -4.934  -4.299  1.00 11.66 ? 32 HOH A O     1 
HETATM 303 O  O     . HOH E 5 . ? -13.032 -5.802  -5.565  1.00 30.81 ? 35 HOH A O     1 
HETATM 304 O  O     . HOH E 5 . ? 6.007   4.745   -7.245  1.00 34.27 ? 37 HOH A O     1 
HETATM 305 O  O     . HOH E 5 . ? -9.209  -1.186  1.121   1.00 32.66 ? 38 HOH A O     1 
HETATM 306 O  O     . HOH E 5 . ? 5.542   -4.901  0.924   1.00 30.06 ? 40 HOH A O     1 
HETATM 307 O  O     . HOH E 5 . ? -1.798  5.380   -9.750  1.00 31.96 ? 43 HOH A O     1 
HETATM 308 O  O     . HOH E 5 . ? 3.408   -8.306  -8.571  1.00 43.13 ? 44 HOH A O     1 
HETATM 309 O  O     . HOH E 5 . ? 4.772   -5.623  -8.076  1.00 23.69 ? 45 HOH A O     1 
HETATM 310 O  O     . HOH E 5 . ? -9.881  -7.111  -3.740  1.00 37.72 ? 46 HOH A O     1 
HETATM 311 O  O     . HOH E 5 . ? 0.904   -4.233  -9.225  1.00 43.23 ? 49 HOH A O     1 
HETATM 312 O  O     . HOH E 5 . ? -0.240  -6.868  -5.170  1.00 40.71 ? 50 HOH A O     1 
HETATM 313 O  O     . HOH E 5 . ? 8.558   3.133   -5.555  1.00 44.48 ? 52 HOH A O     1 
HETATM 314 O  O     . HOH E 5 . ? -8.078  3.191   4.648   1.00 38.26 ? 53 HOH A O     1 
HETATM 315 O  O     . HOH E 5 . ? -4.351  3.480   -4.920  1.00 27.75 ? 54 HOH A O     1 
HETATM 316 O  O     . HOH E 5 . ? 0.738   8.909   -5.745  1.00 34.14 ? 55 HOH A O     1 
HETATM 317 O  O     . HOH E 5 . ? 4.786   -3.224  2.883   1.00 28.33 ? 56 HOH A O     1 
HETATM 318 O  O     . HOH E 5 . ? 6.766   -2.775  -8.698  1.00 33.58 ? 57 HOH A O     1 
HETATM 319 O  O     . HOH E 5 . ? -9.912  -0.128  3.809   1.00 51.34 ? 59 HOH A O     1 
HETATM 320 O  O     . HOH E 5 . ? 0.123   2.024   -14.456 1.00 22.28 ? 60 HOH A O     1 
HETATM 321 O  O     . HOH E 5 . ? 0.659   2.209   -10.199 1.00 22.74 ? 61 HOH A O     1 
HETATM 322 O  O     . HOH E 5 . ? -0.719  3.817   -11.915 1.00 23.50 ? 62 HOH A O     1 
HETATM 323 O  O     . HOH E 5 . ? 1.349   0.445   -12.513 1.00 23.32 ? 63 HOH A O     1 
HETATM 324 O  O     . HOH E 5 . ? 1.904   3.130   -12.557 1.00 22.39 ? 64 HOH A O     1 
HETATM 325 O  O     . HOH E 5 . ? -1.308  0.874   -12.042 1.00 23.33 ? 65 HOH A O     1 
HETATM 326 O  O     . HOH F 5 . ? -7.255  -1.776  5.336   1.00 19.36 ? 17 HOH B O     1 
HETATM 327 O  O     . HOH F 5 . ? -3.326  -6.883  -1.890  1.00 26.79 ? 23 HOH B O     1 
HETATM 328 O  O     . HOH F 5 . ? 4.223   0.371   1.755   1.00 20.08 ? 26 HOH B O     1 
HETATM 329 O  O     . HOH F 5 . ? -4.180  3.372   3.777   1.00 15.69 ? 30 HOH B O     1 
HETATM 330 O  O     . HOH F 5 . ? 4.477   3.415   4.847   1.00 23.18 ? 33 HOH B O     1 
HETATM 331 O  O     . HOH F 5 . ? 1.118   -4.197  3.150   1.00 14.23 ? 34 HOH B O     1 
HETATM 332 O  O     . HOH F 5 . ? -1.061  -8.922  -1.175  1.00 29.69 ? 36 HOH B O     1 
HETATM 333 O  O     . HOH F 5 . ? -3.736  2.261   9.430   1.00 22.93 ? 39 HOH B O     1 
HETATM 334 O  O     . HOH F 5 . ? 1.693   -6.326  8.794   1.00 47.99 ? 41 HOH B O     1 
HETATM 335 O  O     . HOH F 5 . ? -4.713  -6.144  6.348   1.00 50.26 ? 42 HOH B O     1 
HETATM 336 O  O     . HOH F 5 . ? 8.825   13.225  3.721   1.00 42.73 ? 47 HOH B O     1 
HETATM 337 O  O     . HOH F 5 . ? 7.678   9.909   5.526   1.00 35.05 ? 48 HOH B O     1 
HETATM 338 O  O     . HOH F 5 . ? 4.190   2.576   9.948   1.00 32.56 ? 51 HOH B O     1 
HETATM 339 O  O     . HOH F 5 . ? 2.113   -15.053 4.535   1.00 42.40 ? 58 HOH B O     1 
# 
